data_4UFJ
#
_entry.id   4UFJ
#
_cell.length_a   249.850
_cell.length_b   249.850
_cell.length_c   77.890
_cell.angle_alpha   90.00
_cell.angle_beta   90.00
_cell.angle_gamma   120.00
#
_symmetry.space_group_name_H-M   'H 3 2'
#
loop_
_entity.id
_entity.type
_entity.pdbx_description
1 polymer GALACTOCEREBROSIDASE
2 branched 2-acetamido-2-deoxy-beta-D-glucopyranose-(1-4)-2-acetamido-2-deoxy-beta-D-glucopyranose
3 non-polymer (3S,4S,5R)-5-(hydroxymethyl)-3,4-bis(oxidanyl)piperidin-2-one
4 non-polymer 2-acetamido-2-deoxy-beta-D-glucopyranose
5 non-polymer 'CALCIUM ION'
6 water water
#
_entity_poly.entity_id   1
_entity_poly.type   'polypeptide(L)'
_entity_poly.pdbx_seq_one_letter_code
;HHHHHHIEGRGAYVLDDSDGLGREFDGIGAVSGGGATSRLLVNYPEPYRSEILDYLFKPNFGASLHILKVEIGGDGQTTD
GTEPSHMHYELDENYFRGYEWWLMKEAKKRNPDIILMGLPWSFPGWLGKGFSWPYVNLQLTAYYVVRWILGAKHYHDLDI
DYIGIWNERPFDANYIKELRKMLDYQGLQRVRIIASDNLWEPISSSLLLDQELWKVVDVIGAHYPGTYTVWNAKMSGKKL
WSSEDFSTINSNVGAGCWSRILNQNYINGNMTSTIAWNLVASYYEELPYGRSGLMTAQEPWSGHYVVASPIWVSAHTTQF
TQPGWYYLKTVGHLEKGGSYVALTDGLGNLTIIIETMSHQHSMCIRPYLPYYNVSHQLATFTLKGSLREIQELQVWYTKL
GTPQQRLHFKQLDTLWLLDGSGSFTLELEEDEIFTLTTLTTGRKGSYPPPPSSKPFPTNYKDDFNVEYPLFSEAPNFADQ
TGVFEYYMNNEDREHRFTLRQVLNQRPITWAADASSTISVIGDHHWTNMTVQCDVYIETPRSGGVFIAGRVNKGGILIRS
ATGVFFWIFANGSYRVTADLGGWITYASGHADVTAKRWYTLTLGIKGYFAFGMLNGTILWKNVRVKYPGHGWAAIGTHTF
EFAQFDNFRVEAAR
;
_entity_poly.pdbx_strand_id   A
#
# COMPACT_ATOMS: atom_id res chain seq x y z
N GLY A 11 -1.65 0.13 40.24
CA GLY A 11 -0.73 -0.40 41.24
C GLY A 11 -0.18 -1.74 40.83
N ALA A 12 -0.92 -2.81 41.15
CA ALA A 12 -0.54 -4.15 40.76
C ALA A 12 -1.50 -4.67 39.69
N TYR A 13 -0.96 -5.41 38.72
CA TYR A 13 -1.76 -5.94 37.63
C TYR A 13 -1.64 -7.46 37.56
N VAL A 14 -2.75 -8.16 37.77
CA VAL A 14 -2.74 -9.62 37.74
C VAL A 14 -2.82 -10.17 36.32
N LEU A 15 -1.87 -11.00 35.95
CA LEU A 15 -1.94 -11.75 34.69
C LEU A 15 -2.24 -13.20 35.00
N ASP A 16 -3.41 -13.67 34.57
CA ASP A 16 -3.86 -15.01 34.93
C ASP A 16 -4.59 -15.70 33.79
N ASP A 17 -4.59 -17.03 33.79
CA ASP A 17 -5.30 -17.80 32.79
C ASP A 17 -6.20 -18.86 33.40
N SER A 18 -6.30 -18.86 34.73
CA SER A 18 -7.05 -19.89 35.43
C SER A 18 -8.55 -19.73 35.21
N ASP A 19 -8.98 -18.53 34.85
CA ASP A 19 -10.39 -18.30 34.54
C ASP A 19 -10.65 -18.34 33.03
N GLY A 20 -9.58 -18.58 32.26
CA GLY A 20 -9.74 -18.72 30.83
C GLY A 20 -8.97 -17.70 30.01
N LEU A 21 -9.15 -17.78 28.70
CA LEU A 21 -8.38 -16.94 27.79
C LEU A 21 -9.28 -15.94 27.10
N GLY A 22 -8.67 -14.89 26.55
CA GLY A 22 -9.40 -13.94 25.74
C GLY A 22 -9.59 -14.49 24.34
N ARG A 23 -9.62 -13.60 23.37
CA ARG A 23 -9.83 -14.01 21.98
C ARG A 23 -8.53 -14.50 21.34
N GLU A 24 -8.66 -15.38 20.35
CA GLU A 24 -7.53 -15.83 19.57
C GLU A 24 -6.89 -14.67 18.81
N PHE A 25 -5.57 -14.59 18.86
CA PHE A 25 -4.79 -13.59 18.13
C PHE A 25 -4.66 -14.03 16.67
N ASP A 26 -4.85 -13.09 15.74
CA ASP A 26 -4.89 -13.46 14.32
C ASP A 26 -3.72 -12.94 13.49
N GLY A 27 -2.94 -12.02 14.05
CA GLY A 27 -1.73 -11.57 13.37
C GLY A 27 -1.66 -10.09 13.10
N ILE A 28 -0.44 -9.61 12.88
CA ILE A 28 -0.22 -8.25 12.44
C ILE A 28 0.23 -8.26 10.99
N GLY A 29 -0.30 -7.35 10.19
CA GLY A 29 0.11 -7.28 8.80
C GLY A 29 0.16 -5.88 8.24
N ALA A 30 0.26 -5.81 6.91
CA ALA A 30 0.36 -4.54 6.21
C ALA A 30 -0.18 -4.66 4.78
N VAL A 31 -0.48 -3.52 4.16
CA VAL A 31 -1.09 -3.50 2.85
C VAL A 31 -0.11 -3.07 1.76
N SER A 32 0.01 -3.86 0.72
CA SER A 32 0.65 -3.37 -0.49
C SER A 32 -0.43 -3.12 -1.53
N GLY A 33 -0.57 -1.87 -1.91
CA GLY A 33 -1.62 -1.50 -2.84
C GLY A 33 -2.48 -0.37 -2.30
N GLY A 34 -3.49 -0.02 -3.09
CA GLY A 34 -4.28 1.18 -2.85
C GLY A 34 -3.45 2.43 -2.58
N GLY A 35 -2.64 2.88 -3.54
CA GLY A 35 -2.45 2.26 -4.83
C GLY A 35 -1.03 2.48 -5.32
N ALA A 36 -0.39 1.41 -5.81
CA ALA A 36 0.98 1.46 -6.32
C ALA A 36 1.97 1.93 -5.24
N THR A 37 1.75 1.47 -4.01
CA THR A 37 2.59 1.86 -2.89
C THR A 37 3.94 1.15 -2.96
N SER A 38 3.99 0.04 -3.69
CA SER A 38 5.21 -0.74 -3.84
C SER A 38 5.84 -0.53 -5.22
N ARG A 39 5.41 0.52 -5.90
CA ARG A 39 5.80 0.77 -7.29
C ARG A 39 7.32 0.82 -7.51
N LEU A 40 8.04 1.48 -6.60
CA LEU A 40 9.46 1.73 -6.81
C LEU A 40 10.38 0.70 -6.16
N LEU A 41 9.81 -0.32 -5.54
CA LEU A 41 10.62 -1.34 -4.90
C LEU A 41 11.18 -2.33 -5.91
N VAL A 42 10.45 -2.57 -6.98
CA VAL A 42 10.75 -3.67 -7.89
C VAL A 42 12.06 -3.52 -8.66
N ASN A 43 12.51 -2.29 -8.87
CA ASN A 43 13.76 -2.06 -9.59
C ASN A 43 14.90 -1.61 -8.68
N TYR A 44 14.84 -1.97 -7.40
CA TYR A 44 16.00 -1.82 -6.54
C TYR A 44 17.04 -2.85 -6.95
N PRO A 45 18.31 -2.43 -7.03
CA PRO A 45 19.37 -3.41 -7.30
C PRO A 45 19.53 -4.37 -6.14
N GLU A 46 20.16 -5.51 -6.37
CA GLU A 46 20.58 -6.36 -5.28
C GLU A 46 21.87 -5.80 -4.70
N PRO A 47 22.16 -6.10 -3.43
CA PRO A 47 21.40 -6.94 -2.49
C PRO A 47 20.28 -6.19 -1.80
N TYR A 48 20.19 -4.88 -2.04
CA TYR A 48 19.30 -4.00 -1.29
C TYR A 48 17.83 -4.41 -1.33
N ARG A 49 17.35 -4.77 -2.51
CA ARG A 49 15.95 -5.16 -2.67
C ARG A 49 15.62 -6.35 -1.78
N SER A 50 16.54 -7.30 -1.73
CA SER A 50 16.36 -8.49 -0.90
C SER A 50 16.46 -8.15 0.59
N GLU A 51 17.30 -7.19 0.92
CA GLU A 51 17.46 -6.74 2.30
C GLU A 51 16.17 -6.09 2.79
N ILE A 52 15.60 -5.24 1.95
CA ILE A 52 14.34 -4.57 2.26
C ILE A 52 13.27 -5.61 2.57
N LEU A 53 13.16 -6.61 1.71
CA LEU A 53 12.18 -7.66 1.89
C LEU A 53 12.42 -8.47 3.17
N ASP A 54 13.69 -8.61 3.56
CA ASP A 54 14.02 -9.32 4.79
C ASP A 54 13.51 -8.57 6.02
N TYR A 55 13.75 -7.26 6.03
CA TYR A 55 13.29 -6.40 7.11
C TYR A 55 11.78 -6.44 7.26
N LEU A 56 11.09 -6.77 6.17
CA LEU A 56 9.64 -6.83 6.18
C LEU A 56 9.12 -8.20 6.57
N PHE A 57 9.71 -9.25 6.01
CA PHE A 57 9.07 -10.57 6.05
C PHE A 57 9.90 -11.68 6.67
N LYS A 58 11.21 -11.50 6.80
CA LYS A 58 12.02 -12.54 7.41
C LYS A 58 11.70 -12.65 8.90
N PRO A 59 11.36 -13.87 9.35
CA PRO A 59 11.06 -14.15 10.75
C PRO A 59 12.26 -13.88 11.65
N ASN A 60 12.01 -13.38 12.85
CA ASN A 60 13.06 -13.11 13.82
C ASN A 60 14.13 -12.19 13.27
N PHE A 61 13.72 -11.13 12.60
CA PHE A 61 14.67 -10.23 11.96
C PHE A 61 14.22 -8.78 12.05
N GLY A 62 13.11 -8.47 11.40
CA GLY A 62 12.60 -7.11 11.35
C GLY A 62 11.14 -7.08 11.74
N ALA A 63 10.32 -6.45 10.89
CA ALA A 63 8.89 -6.35 11.15
C ALA A 63 8.22 -7.72 11.19
N SER A 64 8.88 -8.72 10.60
CA SER A 64 8.46 -10.12 10.67
C SER A 64 6.95 -10.32 10.56
N LEU A 65 6.35 -9.70 9.56
CA LEU A 65 4.90 -9.63 9.45
C LEU A 65 4.21 -10.98 9.28
N HIS A 66 3.04 -11.11 9.90
CA HIS A 66 2.24 -12.32 9.86
C HIS A 66 1.29 -12.34 8.67
N ILE A 67 0.96 -11.16 8.19
CA ILE A 67 -0.10 -10.99 7.21
C ILE A 67 0.32 -10.08 6.08
N LEU A 68 0.09 -10.49 4.84
CA LEU A 68 0.27 -9.58 3.72
C LEU A 68 -1.01 -9.44 2.93
N LYS A 69 -1.49 -8.20 2.85
CA LYS A 69 -2.67 -7.89 2.09
C LYS A 69 -2.32 -7.08 0.84
N VAL A 70 -2.86 -7.49 -0.30
CA VAL A 70 -2.58 -6.81 -1.55
C VAL A 70 -3.84 -6.38 -2.27
N GLU A 71 -3.76 -5.25 -2.97
CA GLU A 71 -4.80 -4.82 -3.89
C GLU A 71 -4.91 -5.79 -5.07
N ILE A 72 -6.14 -6.11 -5.43
CA ILE A 72 -6.39 -6.78 -6.69
C ILE A 72 -6.59 -5.67 -7.73
N GLY A 73 -5.55 -5.43 -8.52
CA GLY A 73 -5.54 -4.32 -9.46
C GLY A 73 -6.73 -4.31 -10.39
N GLY A 74 -7.30 -3.13 -10.60
CA GLY A 74 -8.48 -2.96 -11.41
C GLY A 74 -8.34 -1.90 -12.49
N ASP A 75 -7.09 -1.49 -12.73
CA ASP A 75 -6.71 -0.49 -13.73
C ASP A 75 -7.11 0.95 -13.36
N GLY A 76 -7.80 1.14 -12.24
CA GLY A 76 -8.11 2.48 -11.79
C GLY A 76 -7.08 3.11 -10.86
N GLN A 77 -7.09 4.43 -10.74
CA GLN A 77 -6.29 5.14 -9.73
C GLN A 77 -6.77 4.80 -8.32
N THR A 78 -5.87 4.39 -7.44
CA THR A 78 -6.33 3.93 -6.13
C THR A 78 -5.55 4.47 -4.93
N THR A 79 -4.80 5.55 -5.15
CA THR A 79 -4.33 6.55 -4.16
C THR A 79 -2.96 7.13 -4.52
N ASP A 80 -2.01 6.29 -4.94
CA ASP A 80 -0.71 6.80 -5.39
C ASP A 80 -0.35 6.30 -6.79
N GLY A 81 -1.36 5.88 -7.53
CA GLY A 81 -1.16 5.36 -8.87
C GLY A 81 -2.23 4.33 -9.21
N THR A 82 -2.14 3.77 -10.42
CA THR A 82 -3.03 2.69 -10.82
C THR A 82 -2.31 1.37 -10.66
N GLU A 83 -3.04 0.27 -10.60
CA GLU A 83 -2.41 -1.05 -10.62
C GLU A 83 -3.09 -1.90 -11.67
N PRO A 84 -2.30 -2.62 -12.49
CA PRO A 84 -2.88 -3.33 -13.63
C PRO A 84 -3.75 -4.51 -13.22
N SER A 85 -4.85 -4.70 -13.94
CA SER A 85 -5.75 -5.82 -13.68
C SER A 85 -5.28 -7.07 -14.42
N HIS A 86 -5.77 -8.22 -13.99
CA HIS A 86 -5.52 -9.46 -14.72
C HIS A 86 -6.46 -9.61 -15.93
N MET A 87 -7.46 -8.74 -16.02
CA MET A 87 -8.38 -8.76 -17.17
C MET A 87 -8.67 -7.33 -17.65
N HIS A 88 -7.81 -6.80 -18.51
CA HIS A 88 -8.02 -5.45 -19.06
C HIS A 88 -9.31 -5.38 -19.85
N TYR A 89 -9.60 -6.47 -20.56
CA TYR A 89 -10.74 -6.53 -21.46
C TYR A 89 -11.46 -7.83 -21.19
N GLU A 90 -12.71 -7.91 -21.66
CA GLU A 90 -13.39 -9.19 -21.76
C GLU A 90 -12.52 -10.14 -22.59
N LEU A 91 -12.45 -11.41 -22.18
CA LEU A 91 -11.66 -12.45 -22.84
C LEU A 91 -10.16 -12.28 -22.66
N ASP A 92 -9.73 -11.28 -21.90
CA ASP A 92 -8.31 -11.13 -21.61
C ASP A 92 -7.98 -11.71 -20.23
N GLU A 93 -6.98 -12.60 -20.17
CA GLU A 93 -6.46 -13.07 -18.89
C GLU A 93 -4.93 -13.09 -18.91
N ASN A 94 -4.33 -12.43 -17.92
CA ASN A 94 -2.89 -12.37 -17.77
C ASN A 94 -2.53 -12.29 -16.30
N TYR A 95 -1.76 -13.26 -15.82
CA TYR A 95 -1.50 -13.38 -14.39
C TYR A 95 -0.04 -13.03 -14.07
N PHE A 96 0.53 -12.17 -14.90
CA PHE A 96 1.92 -11.77 -14.75
C PHE A 96 2.14 -10.27 -14.83
N ARG A 97 1.07 -9.49 -14.73
CA ARG A 97 1.22 -8.04 -14.73
C ARG A 97 1.46 -7.53 -13.32
N GLY A 98 2.03 -6.34 -13.21
CA GLY A 98 2.21 -5.70 -11.91
C GLY A 98 3.24 -6.38 -11.03
N TYR A 99 3.16 -6.12 -9.73
CA TYR A 99 4.21 -6.58 -8.83
C TYR A 99 3.69 -7.26 -7.56
N GLU A 100 2.37 -7.40 -7.43
CA GLU A 100 1.81 -8.05 -6.24
C GLU A 100 2.05 -9.56 -6.27
N TRP A 101 2.05 -10.17 -7.46
CA TRP A 101 2.37 -11.59 -7.57
C TRP A 101 3.77 -11.84 -7.02
N TRP A 102 4.70 -11.00 -7.48
CA TRP A 102 6.09 -11.09 -7.09
C TRP A 102 6.26 -10.86 -5.59
N LEU A 103 5.59 -9.83 -5.08
CA LEU A 103 5.68 -9.48 -3.67
C LEU A 103 5.20 -10.62 -2.77
N MET A 104 4.01 -11.14 -3.06
CA MET A 104 3.49 -12.29 -2.32
C MET A 104 4.45 -13.48 -2.34
N LYS A 105 5.08 -13.71 -3.49
CA LYS A 105 6.02 -14.82 -3.62
C LYS A 105 7.31 -14.58 -2.83
N GLU A 106 7.76 -13.33 -2.78
CA GLU A 106 8.93 -12.98 -1.98
C GLU A 106 8.63 -13.13 -0.49
N ALA A 107 7.43 -12.73 -0.09
CA ALA A 107 6.99 -12.85 1.30
C ALA A 107 6.94 -14.32 1.71
N LYS A 108 6.32 -15.13 0.88
CA LYS A 108 6.15 -16.54 1.16
C LYS A 108 7.48 -17.29 1.20
N LYS A 109 8.45 -16.85 0.40
CA LYS A 109 9.79 -17.44 0.44
C LYS A 109 10.42 -17.29 1.82
N ARG A 110 10.30 -16.11 2.39
CA ARG A 110 10.85 -15.81 3.70
C ARG A 110 10.00 -16.38 4.83
N ASN A 111 8.68 -16.29 4.69
CA ASN A 111 7.79 -16.89 5.67
C ASN A 111 6.70 -17.72 5.00
N PRO A 112 6.88 -19.05 4.98
CA PRO A 112 5.93 -19.97 4.36
C PRO A 112 4.56 -19.94 5.02
N ASP A 113 4.51 -19.46 6.25
CA ASP A 113 3.26 -19.44 7.01
C ASP A 113 2.56 -18.10 6.94
N ILE A 114 3.07 -17.18 6.12
CA ILE A 114 2.45 -15.87 6.03
C ILE A 114 1.02 -15.99 5.51
N ILE A 115 0.16 -15.10 6.00
CA ILE A 115 -1.24 -15.08 5.62
C ILE A 115 -1.46 -14.07 4.51
N LEU A 116 -2.13 -14.50 3.44
CA LEU A 116 -2.29 -13.68 2.25
C LEU A 116 -3.73 -13.24 2.02
N MET A 117 -3.91 -11.96 1.75
CA MET A 117 -5.25 -11.41 1.51
C MET A 117 -5.30 -10.58 0.24
N GLY A 118 -6.43 -10.67 -0.47
CA GLY A 118 -6.67 -9.86 -1.65
C GLY A 118 -7.94 -9.03 -1.53
N LEU A 119 -7.92 -7.83 -2.09
CA LEU A 119 -9.07 -6.91 -2.03
C LEU A 119 -9.04 -5.94 -3.20
N PRO A 120 -10.16 -5.83 -3.94
CA PRO A 120 -10.27 -4.83 -5.02
C PRO A 120 -10.55 -3.42 -4.51
N TRP A 121 -9.94 -2.44 -5.17
CA TRP A 121 -10.29 -1.02 -5.00
C TRP A 121 -11.11 -0.57 -6.20
N SER A 122 -10.60 -0.89 -7.39
CA SER A 122 -11.27 -0.56 -8.64
C SER A 122 -11.50 -1.82 -9.46
N PHE A 123 -12.26 -1.68 -10.54
CA PHE A 123 -12.56 -2.77 -11.46
C PHE A 123 -12.43 -2.26 -12.89
N PRO A 124 -12.05 -3.13 -13.83
CA PRO A 124 -12.05 -2.74 -15.26
C PRO A 124 -13.45 -2.36 -15.71
N GLY A 125 -13.54 -1.37 -16.58
CA GLY A 125 -14.82 -0.83 -17.02
C GLY A 125 -15.77 -1.83 -17.63
N TRP A 126 -15.25 -2.86 -18.29
CA TRP A 126 -16.13 -3.77 -19.03
C TRP A 126 -17.00 -4.59 -18.10
N LEU A 127 -16.58 -4.74 -16.84
CA LEU A 127 -17.40 -5.43 -15.84
C LEU A 127 -18.72 -4.70 -15.55
N GLY A 128 -18.72 -3.39 -15.75
CA GLY A 128 -19.90 -2.59 -15.49
C GLY A 128 -20.99 -2.72 -16.52
N LYS A 129 -20.68 -3.28 -17.68
CA LYS A 129 -21.65 -3.54 -18.74
C LYS A 129 -22.40 -2.27 -19.16
N GLY A 130 -21.71 -1.14 -19.18
CA GLY A 130 -22.33 0.12 -19.53
C GLY A 130 -22.44 1.12 -18.40
N PHE A 131 -22.20 0.66 -17.17
CA PHE A 131 -22.27 1.55 -16.01
C PHE A 131 -21.00 1.44 -15.18
N SER A 132 -20.77 2.42 -14.32
CA SER A 132 -19.60 2.41 -13.45
C SER A 132 -20.00 1.75 -12.14
N TRP A 133 -20.48 0.50 -12.22
CA TRP A 133 -21.02 -0.18 -11.06
C TRP A 133 -20.78 -1.68 -11.14
N PRO A 134 -20.12 -2.23 -10.12
CA PRO A 134 -19.68 -3.62 -10.13
C PRO A 134 -20.76 -4.62 -9.72
N TYR A 135 -21.94 -4.16 -9.34
CA TYR A 135 -22.99 -5.06 -8.90
C TYR A 135 -24.11 -5.22 -9.94
N VAL A 136 -23.88 -4.74 -11.16
CA VAL A 136 -24.83 -4.93 -12.25
C VAL A 136 -25.01 -6.41 -12.57
N ASN A 137 -23.89 -7.12 -12.72
CA ASN A 137 -23.92 -8.56 -12.96
C ASN A 137 -23.09 -9.23 -11.89
N LEU A 138 -23.77 -9.76 -10.87
CA LEU A 138 -23.12 -10.32 -9.69
C LEU A 138 -22.21 -11.49 -10.05
N GLN A 139 -22.69 -12.36 -10.92
CA GLN A 139 -21.90 -13.52 -11.29
C GLN A 139 -20.62 -13.09 -12.04
N LEU A 140 -20.74 -12.10 -12.91
CA LEU A 140 -19.60 -11.64 -13.70
C LEU A 140 -18.49 -11.09 -12.81
N THR A 141 -18.86 -10.21 -11.88
CA THR A 141 -17.89 -9.64 -10.97
C THR A 141 -17.24 -10.69 -10.06
N ALA A 142 -18.04 -11.64 -9.57
CA ALA A 142 -17.51 -12.71 -8.73
C ALA A 142 -16.57 -13.61 -9.54
N TYR A 143 -16.93 -13.87 -10.79
CA TYR A 143 -16.11 -14.64 -11.72
C TYR A 143 -14.73 -13.98 -11.92
N TYR A 144 -14.74 -12.66 -12.11
CA TYR A 144 -13.52 -11.88 -12.21
C TYR A 144 -12.63 -12.03 -10.98
N VAL A 145 -13.21 -11.88 -9.80
CA VAL A 145 -12.44 -11.94 -8.57
C VAL A 145 -11.91 -13.35 -8.34
N VAL A 146 -12.72 -14.36 -8.60
CA VAL A 146 -12.30 -15.72 -8.36
C VAL A 146 -11.21 -16.18 -9.35
N ARG A 147 -11.23 -15.64 -10.57
CA ARG A 147 -10.14 -15.87 -11.54
C ARG A 147 -8.79 -15.50 -10.92
N TRP A 148 -8.80 -14.40 -10.17
CA TRP A 148 -7.57 -13.88 -9.60
C TRP A 148 -7.04 -14.86 -8.57
N ILE A 149 -7.94 -15.45 -7.78
CA ILE A 149 -7.52 -16.36 -6.73
C ILE A 149 -6.99 -17.65 -7.33
N LEU A 150 -7.67 -18.15 -8.36
CA LEU A 150 -7.24 -19.34 -9.08
C LEU A 150 -5.88 -19.10 -9.74
N GLY A 151 -5.71 -17.92 -10.33
CA GLY A 151 -4.48 -17.54 -10.96
C GLY A 151 -3.32 -17.54 -9.97
N ALA A 152 -3.56 -17.01 -8.78
CA ALA A 152 -2.56 -17.02 -7.72
C ALA A 152 -2.03 -18.43 -7.48
N LYS A 153 -2.94 -19.39 -7.41
CA LYS A 153 -2.56 -20.77 -7.19
C LYS A 153 -1.87 -21.36 -8.42
N HIS A 154 -2.53 -21.28 -9.57
CA HIS A 154 -2.09 -22.00 -10.76
C HIS A 154 -0.78 -21.50 -11.35
N TYR A 155 -0.53 -20.20 -11.27
CA TYR A 155 0.68 -19.63 -11.86
C TYR A 155 1.78 -19.29 -10.84
N HIS A 156 1.42 -19.09 -9.57
CA HIS A 156 2.44 -18.68 -8.62
C HIS A 156 2.53 -19.58 -7.38
N ASP A 157 1.70 -20.61 -7.34
CA ASP A 157 1.64 -21.55 -6.22
C ASP A 157 1.27 -20.82 -4.92
N LEU A 158 0.39 -19.83 -5.04
CA LEU A 158 -0.06 -19.03 -3.90
C LEU A 158 -1.46 -19.41 -3.47
N ASP A 159 -1.63 -19.69 -2.17
CA ASP A 159 -2.95 -19.87 -1.59
C ASP A 159 -3.43 -18.57 -0.97
N ILE A 160 -4.49 -17.99 -1.52
CA ILE A 160 -5.04 -16.78 -0.92
C ILE A 160 -5.93 -17.17 0.27
N ASP A 161 -5.68 -16.58 1.43
CA ASP A 161 -6.41 -16.96 2.63
C ASP A 161 -7.71 -16.18 2.83
N TYR A 162 -7.70 -14.89 2.49
CA TYR A 162 -8.90 -14.07 2.63
C TYR A 162 -9.19 -13.23 1.38
N ILE A 163 -10.47 -13.13 1.04
CA ILE A 163 -10.91 -12.26 -0.04
C ILE A 163 -11.90 -11.22 0.52
N GLY A 164 -11.73 -9.96 0.14
CA GLY A 164 -12.63 -8.92 0.56
C GLY A 164 -13.64 -8.57 -0.52
N ILE A 165 -14.35 -7.46 -0.34
CA ILE A 165 -15.48 -7.11 -1.20
C ILE A 165 -15.14 -5.93 -2.11
N TRP A 166 -15.24 -4.71 -1.57
CA TRP A 166 -14.93 -3.51 -2.35
C TRP A 166 -14.45 -2.41 -1.42
N ASN A 167 -13.15 -2.14 -1.45
CA ASN A 167 -12.49 -1.27 -0.48
C ASN A 167 -13.18 0.07 -0.21
N GLU A 168 -13.67 0.24 1.02
CA GLU A 168 -14.30 1.49 1.47
C GLU A 168 -15.45 1.94 0.56
N ARG A 169 -16.17 0.97 0.01
CA ARG A 169 -17.27 1.23 -0.91
C ARG A 169 -18.43 0.33 -0.51
N PRO A 170 -19.66 0.64 -0.98
CA PRO A 170 -20.80 -0.18 -0.56
C PRO A 170 -20.61 -1.66 -0.89
N PHE A 171 -21.08 -2.54 0.00
CA PHE A 171 -21.15 -3.96 -0.33
C PHE A 171 -22.56 -4.27 -0.83
N ASP A 172 -22.72 -5.45 -1.41
CA ASP A 172 -24.03 -5.93 -1.83
C ASP A 172 -24.17 -7.32 -1.24
N ALA A 173 -25.20 -7.53 -0.42
CA ALA A 173 -25.35 -8.79 0.31
C ALA A 173 -25.43 -9.98 -0.63
N ASN A 174 -26.16 -9.81 -1.73
CA ASN A 174 -26.29 -10.85 -2.73
C ASN A 174 -24.96 -11.16 -3.43
N TYR A 175 -24.12 -10.14 -3.61
CA TYR A 175 -22.80 -10.35 -4.18
C TYR A 175 -21.94 -11.22 -3.27
N ILE A 176 -21.96 -10.92 -1.98
CA ILE A 176 -21.16 -11.66 -1.02
C ILE A 176 -21.61 -13.12 -1.04
N LYS A 177 -22.92 -13.35 -1.12
CA LYS A 177 -23.44 -14.71 -1.18
C LYS A 177 -23.04 -15.41 -2.50
N GLU A 178 -23.10 -14.70 -3.62
CA GLU A 178 -22.70 -15.26 -4.91
C GLU A 178 -21.20 -15.58 -4.93
N LEU A 179 -20.39 -14.67 -4.37
CA LEU A 179 -18.96 -14.90 -4.21
C LEU A 179 -18.66 -16.19 -3.45
N ARG A 180 -19.37 -16.43 -2.34
CA ARG A 180 -19.17 -17.66 -1.57
C ARG A 180 -19.51 -18.89 -2.41
N LYS A 181 -20.64 -18.84 -3.09
CA LYS A 181 -21.10 -19.94 -3.94
C LYS A 181 -20.11 -20.22 -5.07
N MET A 182 -19.56 -19.15 -5.63
CA MET A 182 -18.61 -19.24 -6.73
C MET A 182 -17.27 -19.81 -6.27
N LEU A 183 -16.79 -19.36 -5.11
CA LEU A 183 -15.58 -19.91 -4.50
C LEU A 183 -15.70 -21.41 -4.28
N ASP A 184 -16.80 -21.82 -3.66
CA ASP A 184 -17.04 -23.23 -3.38
C ASP A 184 -17.12 -24.04 -4.68
N TYR A 185 -17.74 -23.46 -5.70
CA TYR A 185 -17.91 -24.14 -6.97
C TYR A 185 -16.57 -24.41 -7.64
N GLN A 186 -15.62 -23.51 -7.44
CA GLN A 186 -14.28 -23.65 -8.00
C GLN A 186 -13.30 -24.34 -7.03
N GLY A 187 -13.82 -25.06 -6.05
CA GLY A 187 -12.98 -25.79 -5.13
C GLY A 187 -12.16 -24.93 -4.18
N LEU A 188 -12.67 -23.74 -3.87
CA LEU A 188 -11.97 -22.81 -2.98
C LEU A 188 -12.72 -22.63 -1.66
N GLN A 189 -13.25 -23.73 -1.14
CA GLN A 189 -13.96 -23.70 0.15
C GLN A 189 -13.07 -23.15 1.26
N ARG A 190 -11.77 -23.36 1.12
CA ARG A 190 -10.78 -22.92 2.10
C ARG A 190 -10.62 -21.39 2.22
N VAL A 191 -10.95 -20.67 1.16
CA VAL A 191 -10.79 -19.21 1.20
C VAL A 191 -11.88 -18.60 2.09
N ARG A 192 -11.48 -17.68 2.96
CA ARG A 192 -12.44 -17.02 3.85
C ARG A 192 -12.78 -15.63 3.34
N ILE A 193 -13.99 -15.17 3.68
CA ILE A 193 -14.48 -13.86 3.27
C ILE A 193 -14.46 -12.83 4.40
N ILE A 194 -13.87 -11.68 4.14
CA ILE A 194 -13.85 -10.58 5.10
C ILE A 194 -14.67 -9.42 4.53
N ALA A 195 -15.47 -8.78 5.38
CA ALA A 195 -16.38 -7.72 4.95
C ALA A 195 -16.49 -6.64 6.03
N SER A 196 -16.71 -5.38 5.62
CA SER A 196 -16.81 -4.98 4.23
C SER A 196 -15.72 -3.97 3.88
N ASP A 197 -14.68 -3.95 4.72
CA ASP A 197 -13.54 -3.05 4.57
C ASP A 197 -13.95 -1.60 4.45
N ASN A 198 -14.84 -1.21 5.36
CA ASN A 198 -15.36 0.15 5.43
C ASN A 198 -15.63 0.48 6.90
N LEU A 199 -16.87 0.84 7.23
CA LEU A 199 -17.22 1.12 8.62
C LEU A 199 -17.83 -0.10 9.28
N TRP A 200 -18.06 -0.03 10.60
CA TRP A 200 -18.71 -1.14 11.31
C TRP A 200 -20.11 -1.37 10.77
N GLU A 201 -20.76 -0.32 10.32
CA GLU A 201 -22.09 -0.43 9.74
C GLU A 201 -22.03 -0.02 8.27
N PRO A 202 -22.90 -0.61 7.44
CA PRO A 202 -24.00 -1.51 7.84
C PRO A 202 -23.69 -3.00 7.89
N ILE A 203 -22.44 -3.43 7.73
CA ILE A 203 -22.18 -4.87 7.71
C ILE A 203 -22.58 -5.56 9.03
N SER A 204 -22.34 -4.92 10.17
CA SER A 204 -22.57 -5.58 11.46
C SER A 204 -24.05 -5.86 11.72
N SER A 205 -24.90 -4.85 11.58
CA SER A 205 -26.33 -5.10 11.75
C SER A 205 -26.88 -6.03 10.66
N SER A 206 -26.32 -5.97 9.46
CA SER A 206 -26.73 -6.87 8.39
C SER A 206 -26.52 -8.34 8.76
N LEU A 207 -25.41 -8.63 9.42
CA LEU A 207 -25.12 -9.99 9.87
C LEU A 207 -26.13 -10.49 10.93
N LEU A 208 -26.64 -9.61 11.77
CA LEU A 208 -27.57 -10.04 12.81
C LEU A 208 -28.95 -10.33 12.25
N LEU A 209 -29.28 -9.69 11.14
CA LEU A 209 -30.64 -9.75 10.60
C LEU A 209 -30.79 -10.81 9.51
N ASP A 210 -29.66 -11.29 9.00
CA ASP A 210 -29.65 -12.21 7.86
C ASP A 210 -28.75 -13.38 8.20
N GLN A 211 -29.37 -14.49 8.60
CA GLN A 211 -28.63 -15.70 8.93
C GLN A 211 -27.76 -16.20 7.76
N GLU A 212 -28.29 -16.10 6.55
CA GLU A 212 -27.56 -16.58 5.38
C GLU A 212 -26.30 -15.75 5.15
N LEU A 213 -26.40 -14.44 5.35
CA LEU A 213 -25.24 -13.57 5.23
C LEU A 213 -24.24 -13.86 6.34
N TRP A 214 -24.75 -14.12 7.54
CA TRP A 214 -23.91 -14.43 8.69
C TRP A 214 -23.07 -15.69 8.44
N LYS A 215 -23.69 -16.71 7.87
CA LYS A 215 -22.98 -17.94 7.54
C LYS A 215 -21.78 -17.76 6.59
N VAL A 216 -21.85 -16.79 5.67
CA VAL A 216 -20.81 -16.70 4.63
C VAL A 216 -19.74 -15.66 4.90
N VAL A 217 -19.93 -14.83 5.91
CA VAL A 217 -18.90 -13.85 6.29
C VAL A 217 -18.10 -14.40 7.46
N ASP A 218 -16.79 -14.49 7.30
CA ASP A 218 -15.96 -15.05 8.37
C ASP A 218 -15.35 -13.99 9.28
N VAL A 219 -15.06 -12.81 8.73
CA VAL A 219 -14.38 -11.78 9.49
C VAL A 219 -15.01 -10.42 9.21
N ILE A 220 -15.26 -9.63 10.25
CA ILE A 220 -15.65 -8.24 10.06
C ILE A 220 -14.42 -7.37 10.08
N GLY A 221 -14.08 -6.78 8.94
CA GLY A 221 -12.92 -5.91 8.84
C GLY A 221 -13.32 -4.45 8.70
N ALA A 222 -12.84 -3.62 9.63
CA ALA A 222 -13.19 -2.21 9.64
C ALA A 222 -11.97 -1.33 9.48
N HIS A 223 -12.16 -0.13 8.93
CA HIS A 223 -11.05 0.77 8.66
C HIS A 223 -11.01 1.96 9.60
N TYR A 224 -9.82 2.23 10.12
CA TYR A 224 -9.54 3.37 10.98
C TYR A 224 -10.58 3.53 12.10
N PRO A 225 -10.74 2.49 12.93
CA PRO A 225 -11.82 2.45 13.92
C PRO A 225 -11.53 3.26 15.18
N GLY A 226 -10.34 3.85 15.29
CA GLY A 226 -9.97 4.59 16.49
C GLY A 226 -9.94 3.72 17.74
N THR A 227 -9.52 2.46 17.56
CA THR A 227 -9.38 1.46 18.62
C THR A 227 -10.70 0.93 19.16
N TYR A 228 -11.83 1.47 18.70
CA TYR A 228 -13.13 1.00 19.18
C TYR A 228 -13.94 0.24 18.13
N THR A 229 -14.86 -0.58 18.62
CA THR A 229 -15.83 -1.26 17.76
C THR A 229 -17.24 -0.82 18.16
N VAL A 230 -18.28 -1.58 17.78
CA VAL A 230 -19.66 -1.25 18.13
C VAL A 230 -20.35 -2.53 18.59
N TRP A 231 -21.50 -2.37 19.26
CA TRP A 231 -22.17 -3.47 19.94
C TRP A 231 -22.61 -4.58 18.98
N ASN A 232 -23.21 -4.21 17.85
CA ASN A 232 -23.63 -5.21 16.87
C ASN A 232 -22.47 -6.12 16.43
N ALA A 233 -21.29 -5.55 16.26
CA ALA A 233 -20.11 -6.33 15.87
C ALA A 233 -19.73 -7.34 16.95
N LYS A 234 -19.69 -6.89 18.20
CA LYS A 234 -19.48 -7.79 19.34
C LYS A 234 -20.51 -8.91 19.37
N MET A 235 -21.77 -8.54 19.15
CA MET A 235 -22.88 -9.48 19.19
C MET A 235 -22.80 -10.56 18.11
N SER A 236 -22.18 -10.21 16.98
CA SER A 236 -22.10 -11.12 15.83
C SER A 236 -21.33 -12.39 16.15
N GLY A 237 -20.37 -12.29 17.07
CA GLY A 237 -19.52 -13.42 17.39
C GLY A 237 -18.40 -13.62 16.38
N LYS A 238 -18.30 -12.73 15.41
CA LYS A 238 -17.25 -12.82 14.40
C LYS A 238 -15.92 -12.27 14.88
N LYS A 239 -14.84 -12.84 14.35
CA LYS A 239 -13.53 -12.19 14.46
C LYS A 239 -13.65 -10.74 13.98
N LEU A 240 -13.04 -9.83 14.73
CA LEU A 240 -13.07 -8.42 14.36
C LEU A 240 -11.65 -7.96 14.11
N TRP A 241 -11.42 -7.38 12.94
CA TRP A 241 -10.09 -6.89 12.59
C TRP A 241 -10.11 -5.42 12.26
N SER A 242 -9.04 -4.72 12.61
CA SER A 242 -8.75 -3.44 12.00
C SER A 242 -8.08 -3.75 10.67
N SER A 243 -8.88 -3.97 9.63
CA SER A 243 -8.35 -4.45 8.35
C SER A 243 -7.61 -3.36 7.56
N GLU A 244 -7.65 -2.13 8.05
CA GLU A 244 -6.76 -1.08 7.55
C GLU A 244 -6.64 0.03 8.58
N ASP A 245 -5.40 0.40 8.88
CA ASP A 245 -5.11 1.41 9.91
C ASP A 245 -3.80 2.10 9.57
N PHE A 246 -3.31 2.92 10.51
CA PHE A 246 -2.00 3.60 10.44
C PHE A 246 -2.04 4.80 9.48
N SER A 247 -1.49 4.64 8.28
CA SER A 247 -1.50 5.69 7.26
C SER A 247 -0.91 7.00 7.77
N THR A 248 0.12 6.91 8.59
CA THR A 248 0.74 8.10 9.14
C THR A 248 2.24 8.09 8.82
N ILE A 249 2.80 9.27 8.61
CA ILE A 249 4.22 9.42 8.27
C ILE A 249 5.12 8.65 9.25
N ASN A 250 6.04 7.86 8.71
CA ASN A 250 6.80 6.93 9.54
C ASN A 250 7.96 7.55 10.32
N SER A 251 7.78 8.78 10.79
CA SER A 251 8.68 9.35 11.78
C SER A 251 8.40 8.74 13.14
N ASN A 252 8.91 9.35 14.19
CA ASN A 252 8.64 8.85 15.54
C ASN A 252 7.16 8.94 15.92
N VAL A 253 6.46 9.94 15.39
CA VAL A 253 5.05 10.10 15.74
C VAL A 253 4.21 8.97 15.13
N GLY A 254 4.58 8.54 13.93
CA GLY A 254 3.89 7.45 13.28
C GLY A 254 4.13 6.14 14.01
N ALA A 255 5.37 5.94 14.44
CA ALA A 255 5.71 4.75 15.21
C ALA A 255 4.95 4.73 16.53
N GLY A 256 4.78 5.91 17.12
CA GLY A 256 4.02 6.03 18.36
C GLY A 256 2.56 5.63 18.15
N CYS A 257 1.98 6.12 17.05
CA CYS A 257 0.61 5.79 16.70
C CYS A 257 0.44 4.29 16.49
N TRP A 258 1.38 3.71 15.76
CA TRP A 258 1.37 2.28 15.47
C TRP A 258 1.50 1.48 16.77
N SER A 259 2.41 1.91 17.63
CA SER A 259 2.60 1.25 18.92
C SER A 259 1.32 1.24 19.76
N ARG A 260 0.70 2.40 19.88
CA ARG A 260 -0.49 2.54 20.71
C ARG A 260 -1.66 1.69 20.20
N ILE A 261 -1.96 1.78 18.91
CA ILE A 261 -3.14 1.11 18.38
C ILE A 261 -2.93 -0.40 18.29
N LEU A 262 -1.71 -0.85 18.15
CA LEU A 262 -1.45 -2.29 18.10
C LEU A 262 -1.96 -2.93 19.40
N ASN A 263 -1.65 -2.29 20.53
CA ASN A 263 -2.16 -2.73 21.83
C ASN A 263 -3.66 -2.48 22.01
N GLN A 264 -4.09 -1.26 21.78
CA GLN A 264 -5.41 -0.83 22.21
C GLN A 264 -6.55 -1.15 21.23
N ASN A 265 -6.23 -1.60 20.02
CA ASN A 265 -7.27 -2.12 19.14
C ASN A 265 -7.90 -3.36 19.74
N TYR A 266 -7.09 -4.19 20.37
CA TYR A 266 -7.66 -5.34 21.06
C TYR A 266 -8.29 -4.95 22.40
N ILE A 267 -7.59 -4.12 23.16
CA ILE A 267 -8.05 -3.77 24.49
C ILE A 267 -9.39 -3.05 24.46
N ASN A 268 -9.46 -1.98 23.68
CA ASN A 268 -10.68 -1.20 23.60
C ASN A 268 -11.71 -1.74 22.62
N GLY A 269 -11.28 -2.50 21.63
CA GLY A 269 -12.16 -2.84 20.53
C GLY A 269 -12.31 -4.30 20.20
N ASN A 270 -11.65 -5.17 20.96
CA ASN A 270 -11.70 -6.60 20.72
C ASN A 270 -11.17 -7.01 19.34
N MET A 271 -10.38 -6.15 18.72
CA MET A 271 -9.84 -6.45 17.40
C MET A 271 -8.59 -7.31 17.53
N THR A 272 -8.61 -8.47 16.88
CA THR A 272 -7.54 -9.44 17.05
C THR A 272 -6.55 -9.43 15.89
N SER A 273 -6.68 -8.43 15.03
CA SER A 273 -5.68 -8.19 13.99
C SER A 273 -5.69 -6.72 13.60
N THR A 274 -4.50 -6.16 13.38
CA THR A 274 -4.40 -4.83 12.85
C THR A 274 -3.50 -4.86 11.60
N ILE A 275 -3.93 -4.18 10.54
CA ILE A 275 -3.18 -4.19 9.28
C ILE A 275 -2.89 -2.77 8.83
N ALA A 276 -1.61 -2.45 8.71
CA ALA A 276 -1.20 -1.09 8.36
C ALA A 276 -1.23 -0.80 6.87
N TRP A 277 -1.79 0.34 6.49
CA TRP A 277 -1.53 0.93 5.20
C TRP A 277 -0.44 1.98 5.38
N ASN A 278 0.72 1.81 4.75
CA ASN A 278 1.02 0.70 3.84
C ASN A 278 2.29 -0.04 4.24
N LEU A 279 2.59 -1.12 3.52
CA LEU A 279 3.72 -1.98 3.81
C LEU A 279 5.08 -1.27 3.74
N VAL A 280 5.33 -0.58 2.65
CA VAL A 280 6.59 0.12 2.46
C VAL A 280 6.37 1.33 1.57
N ALA A 281 6.94 2.47 1.92
CA ALA A 281 6.77 3.66 1.10
C ALA A 281 7.72 3.61 -0.10
N SER A 282 7.27 2.94 -1.15
CA SER A 282 7.99 2.89 -2.42
C SER A 282 7.22 3.61 -3.50
N TYR A 283 6.90 4.87 -3.24
CA TYR A 283 6.20 5.72 -4.18
C TYR A 283 6.70 7.14 -3.95
N TYR A 284 6.72 7.96 -5.00
CA TYR A 284 7.22 9.33 -4.89
C TYR A 284 6.57 10.05 -3.72
N GLU A 285 7.39 10.66 -2.88
CA GLU A 285 6.96 11.22 -1.59
C GLU A 285 5.97 12.35 -1.75
N GLU A 286 5.94 12.97 -2.92
CA GLU A 286 5.06 14.11 -3.16
C GLU A 286 3.68 13.67 -3.66
N LEU A 287 3.52 12.35 -3.83
CA LEU A 287 2.19 11.77 -4.05
C LEU A 287 1.46 11.75 -2.70
N PRO A 288 0.12 11.61 -2.71
CA PRO A 288 -0.65 11.66 -1.46
C PRO A 288 -0.16 10.73 -0.37
N TYR A 289 -0.11 11.23 0.86
CA TYR A 289 0.29 10.45 2.02
C TYR A 289 1.71 9.91 1.88
N GLY A 290 2.61 10.76 1.39
CA GLY A 290 4.01 10.39 1.22
C GLY A 290 4.66 9.84 2.48
N ARG A 291 5.49 8.82 2.32
CA ARG A 291 6.24 8.20 3.41
C ARG A 291 5.36 7.66 4.53
N SER A 292 4.28 6.99 4.18
CA SER A 292 3.39 6.39 5.17
C SER A 292 3.42 4.88 5.12
N GLY A 293 4.63 4.32 5.01
CA GLY A 293 4.80 2.88 5.09
C GLY A 293 5.54 2.53 6.37
N LEU A 294 5.60 1.25 6.71
CA LEU A 294 6.33 0.82 7.90
C LEU A 294 7.81 1.19 7.75
N MET A 295 8.33 1.11 6.54
CA MET A 295 9.64 1.67 6.24
C MET A 295 9.59 2.42 4.93
N THR A 296 10.75 2.93 4.49
CA THR A 296 10.83 3.76 3.30
C THR A 296 11.82 3.20 2.29
N ALA A 297 11.41 3.12 1.04
CA ALA A 297 12.29 2.68 -0.04
C ALA A 297 11.86 3.33 -1.34
N GLN A 298 12.17 4.62 -1.48
CA GLN A 298 11.67 5.40 -2.60
C GLN A 298 12.77 5.87 -3.55
N GLU A 299 13.88 5.15 -3.58
CA GLU A 299 15.01 5.49 -4.46
C GLU A 299 15.68 4.26 -5.07
N PRO A 300 15.03 3.61 -6.02
CA PRO A 300 15.65 2.45 -6.67
C PRO A 300 16.93 2.82 -7.45
N TRP A 301 17.00 4.05 -7.96
CA TRP A 301 18.18 4.51 -8.68
C TRP A 301 19.42 4.60 -7.79
N SER A 302 19.24 4.87 -6.50
CA SER A 302 20.39 5.02 -5.60
C SER A 302 20.59 3.81 -4.69
N GLY A 303 19.53 3.08 -4.40
CA GLY A 303 19.62 1.92 -3.53
C GLY A 303 19.38 2.29 -2.07
N HIS A 304 19.23 3.59 -1.84
CA HIS A 304 18.98 4.11 -0.51
C HIS A 304 17.58 3.73 -0.01
N TYR A 305 17.53 3.15 1.19
CA TYR A 305 16.27 2.92 1.88
C TYR A 305 16.43 3.27 3.36
N VAL A 306 15.32 3.42 4.06
CA VAL A 306 15.35 3.77 5.48
C VAL A 306 14.53 2.80 6.31
N VAL A 307 15.17 2.16 7.27
CA VAL A 307 14.47 1.28 8.20
C VAL A 307 13.87 2.12 9.33
N ALA A 308 12.65 2.59 9.11
CA ALA A 308 12.02 3.55 10.01
C ALA A 308 11.55 2.89 11.31
N SER A 309 11.35 3.72 12.33
CA SER A 309 10.89 3.26 13.65
C SER A 309 9.74 2.25 13.63
N PRO A 310 8.73 2.42 12.73
CA PRO A 310 7.62 1.47 12.80
C PRO A 310 8.01 0.02 12.56
N ILE A 311 9.13 -0.22 11.88
CA ILE A 311 9.63 -1.57 11.71
C ILE A 311 9.88 -2.22 13.07
N TRP A 312 10.53 -1.49 13.98
CA TRP A 312 10.88 -2.05 15.28
C TRP A 312 9.70 -2.05 16.25
N VAL A 313 8.79 -1.10 16.08
CA VAL A 313 7.54 -1.12 16.83
C VAL A 313 6.77 -2.40 16.53
N SER A 314 6.75 -2.77 15.24
CA SER A 314 6.14 -4.02 14.79
C SER A 314 6.78 -5.23 15.47
N ALA A 315 8.10 -5.25 15.51
CA ALA A 315 8.86 -6.39 16.00
C ALA A 315 8.52 -6.73 17.44
N HIS A 316 8.23 -5.69 18.23
CA HIS A 316 7.87 -5.88 19.63
C HIS A 316 6.66 -6.78 19.82
N THR A 317 5.86 -6.91 18.76
CA THR A 317 4.70 -7.79 18.81
C THR A 317 4.91 -9.03 17.93
N THR A 318 5.34 -8.82 16.69
CA THR A 318 5.39 -9.90 15.71
C THR A 318 6.43 -10.97 15.99
N GLN A 319 7.60 -10.58 16.51
CA GLN A 319 8.66 -11.56 16.79
C GLN A 319 8.31 -12.44 17.98
N PHE A 320 7.34 -12.01 18.78
CA PHE A 320 7.05 -12.70 20.03
C PHE A 320 5.60 -13.15 20.12
N THR A 321 4.91 -13.10 18.99
CA THR A 321 3.56 -13.63 18.85
C THR A 321 3.41 -14.29 17.50
N GLN A 322 2.50 -15.25 17.39
CA GLN A 322 2.12 -15.81 16.10
C GLN A 322 0.61 -15.97 16.04
N PRO A 323 0.03 -15.96 14.83
CA PRO A 323 -1.39 -16.27 14.70
C PRO A 323 -1.68 -17.61 15.36
N GLY A 324 -2.76 -17.70 16.13
CA GLY A 324 -3.06 -18.95 16.81
C GLY A 324 -2.74 -18.92 18.29
N TRP A 325 -1.94 -17.95 18.72
CA TRP A 325 -1.81 -17.65 20.14
C TRP A 325 -3.13 -17.08 20.64
N TYR A 326 -3.27 -16.97 21.95
CA TYR A 326 -4.47 -16.36 22.52
C TYR A 326 -4.12 -15.17 23.42
N TYR A 327 -4.99 -14.17 23.42
CA TYR A 327 -4.87 -13.10 24.40
C TYR A 327 -5.31 -13.62 25.75
N LEU A 328 -4.70 -13.10 26.81
CA LEU A 328 -5.19 -13.36 28.15
C LEU A 328 -6.45 -12.54 28.35
N LYS A 329 -7.29 -12.96 29.28
CA LYS A 329 -8.42 -12.12 29.68
C LYS A 329 -7.88 -10.88 30.36
N THR A 330 -6.75 -11.02 31.03
CA THR A 330 -6.15 -9.93 31.80
C THR A 330 -5.28 -9.03 30.95
N VAL A 331 -5.91 -8.04 30.33
CA VAL A 331 -5.23 -6.97 29.62
C VAL A 331 -5.91 -5.68 30.02
N GLY A 332 -5.24 -4.54 29.83
CA GLY A 332 -5.88 -3.28 30.14
C GLY A 332 -4.99 -2.06 30.06
N HIS A 333 -5.50 -0.95 30.58
CA HIS A 333 -4.76 0.30 30.62
C HIS A 333 -3.93 0.42 31.88
N LEU A 334 -2.92 1.28 31.83
CA LEU A 334 -2.10 1.58 33.00
C LEU A 334 -2.69 2.77 33.73
N GLU A 335 -2.46 2.83 35.05
CA GLU A 335 -3.09 3.83 35.89
C GLU A 335 -2.74 5.26 35.47
N LYS A 336 -1.49 5.47 35.07
CA LYS A 336 -1.03 6.80 34.67
C LYS A 336 -0.90 6.95 33.15
N GLY A 337 -1.66 6.16 32.41
CA GLY A 337 -1.63 6.22 30.95
C GLY A 337 -0.82 5.11 30.33
N GLY A 338 -1.19 4.71 29.12
CA GLY A 338 -0.55 3.59 28.46
C GLY A 338 -1.34 2.32 28.68
N SER A 339 -0.83 1.20 28.20
CA SER A 339 -1.58 -0.04 28.21
C SER A 339 -0.68 -1.26 28.22
N TYR A 340 -1.27 -2.43 28.39
CA TYR A 340 -0.53 -3.67 28.34
C TYR A 340 -1.40 -4.80 27.78
N VAL A 341 -0.79 -5.67 27.00
CA VAL A 341 -1.45 -6.90 26.58
C VAL A 341 -0.55 -8.08 26.90
N ALA A 342 -1.14 -9.27 26.97
CA ALA A 342 -0.39 -10.48 27.23
C ALA A 342 -0.98 -11.65 26.46
N LEU A 343 -0.11 -12.51 25.95
CA LEU A 343 -0.55 -13.64 25.13
C LEU A 343 0.22 -14.90 25.49
N THR A 344 -0.43 -16.05 25.31
CA THR A 344 0.25 -17.33 25.44
C THR A 344 -0.05 -18.22 24.24
N ASP A 345 0.75 -19.27 24.07
CA ASP A 345 0.59 -20.19 22.94
C ASP A 345 0.01 -21.53 23.36
N GLY A 346 -0.30 -21.68 24.64
CA GLY A 346 -0.77 -22.94 25.17
C GLY A 346 0.34 -23.99 25.25
N LEU A 347 1.60 -23.53 25.27
CA LEU A 347 2.73 -24.44 25.37
C LEU A 347 3.69 -24.03 26.48
N GLY A 348 3.27 -23.05 27.27
CA GLY A 348 4.09 -22.58 28.37
C GLY A 348 4.74 -21.24 28.09
N ASN A 349 4.70 -20.80 26.83
CA ASN A 349 5.27 -19.50 26.51
C ASN A 349 4.33 -18.37 26.91
N LEU A 350 4.89 -17.19 27.12
CA LEU A 350 4.13 -16.01 27.51
C LEU A 350 4.81 -14.77 26.98
N THR A 351 4.02 -13.86 26.42
CA THR A 351 4.56 -12.59 25.94
C THR A 351 3.76 -11.44 26.50
N ILE A 352 4.47 -10.41 26.96
CA ILE A 352 3.84 -9.24 27.54
C ILE A 352 4.32 -8.01 26.80
N ILE A 353 3.36 -7.20 26.34
CA ILE A 353 3.70 -6.04 25.53
C ILE A 353 3.15 -4.79 26.16
N ILE A 354 4.04 -3.87 26.50
CA ILE A 354 3.67 -2.68 27.26
C ILE A 354 4.04 -1.40 26.52
N GLU A 355 3.10 -0.47 26.48
CA GLU A 355 3.27 0.78 25.73
C GLU A 355 2.84 1.99 26.55
N THR A 356 3.61 3.08 26.49
CA THR A 356 3.26 4.31 27.19
C THR A 356 3.29 5.53 26.28
N MET A 357 2.76 5.40 25.07
CA MET A 357 2.82 6.49 24.11
C MET A 357 2.05 7.72 24.57
N SER A 358 2.71 8.88 24.50
CA SER A 358 2.10 10.13 24.90
C SER A 358 1.27 10.70 23.76
N HIS A 359 0.32 11.56 24.12
CA HIS A 359 -0.58 12.14 23.13
C HIS A 359 0.14 12.94 22.06
N GLN A 360 1.13 13.73 22.47
CA GLN A 360 1.81 14.62 21.54
CA GLN A 360 1.84 14.62 21.57
C GLN A 360 2.70 13.85 20.58
N HIS A 361 3.00 12.59 20.89
CA HIS A 361 3.90 11.81 20.05
C HIS A 361 3.30 10.53 19.49
N SER A 362 1.97 10.45 19.40
CA SER A 362 1.37 9.24 18.85
C SER A 362 0.09 9.51 18.08
N MET A 363 -0.08 10.74 17.60
CA MET A 363 -1.28 11.10 16.86
C MET A 363 -1.31 10.40 15.50
N CYS A 364 -2.37 9.65 15.24
CA CYS A 364 -2.62 9.13 13.91
C CYS A 364 -3.43 10.16 13.14
N ILE A 365 -3.46 10.03 11.82
CA ILE A 365 -4.24 10.99 11.04
C ILE A 365 -5.73 10.74 11.14
N ARG A 366 -6.13 9.51 11.47
CA ARG A 366 -7.54 9.13 11.44
C ARG A 366 -7.86 8.07 12.49
N PRO A 367 -8.50 8.47 13.60
CA PRO A 367 -8.89 9.83 13.97
C PRO A 367 -7.84 10.53 14.82
N TYR A 368 -8.05 11.82 15.05
CA TYR A 368 -7.25 12.58 15.99
C TYR A 368 -7.86 12.44 17.39
N LEU A 369 -7.07 12.02 18.37
CA LEU A 369 -7.57 11.82 19.73
C LEU A 369 -7.52 13.07 20.57
N PRO A 370 -8.58 13.31 21.36
CA PRO A 370 -8.53 14.35 22.39
C PRO A 370 -7.38 14.07 23.36
N TYR A 371 -6.82 15.12 23.95
CA TYR A 371 -5.68 14.96 24.85
C TYR A 371 -5.91 13.93 25.96
N TYR A 372 -4.88 13.16 26.24
CA TYR A 372 -4.84 12.29 27.42
C TYR A 372 -3.46 12.44 28.04
N ASN A 373 -3.39 12.23 29.35
CA ASN A 373 -2.16 12.46 30.10
C ASN A 373 -1.37 11.17 30.23
N VAL A 374 -0.05 11.27 30.14
CA VAL A 374 0.84 10.16 30.45
C VAL A 374 1.98 10.66 31.32
N SER A 375 2.21 9.97 32.44
CA SER A 375 3.29 10.37 33.34
C SER A 375 4.03 9.16 33.88
N HIS A 376 5.17 9.40 34.52
CA HIS A 376 6.01 8.33 35.05
C HIS A 376 5.25 7.50 36.07
N GLN A 377 5.49 6.19 36.07
CA GLN A 377 4.81 5.31 36.99
C GLN A 377 5.54 4.00 37.19
N LEU A 378 5.11 3.25 38.19
CA LEU A 378 5.65 1.93 38.48
C LEU A 378 4.56 0.92 38.24
N ALA A 379 4.91 -0.21 37.64
CA ALA A 379 3.92 -1.24 37.39
C ALA A 379 4.35 -2.57 37.96
N THR A 380 3.52 -3.14 38.82
CA THR A 380 3.80 -4.45 39.38
C THR A 380 2.96 -5.50 38.68
N PHE A 381 3.61 -6.56 38.22
CA PHE A 381 2.91 -7.64 37.55
C PHE A 381 3.06 -8.94 38.33
N THR A 382 1.94 -9.64 38.52
CA THR A 382 1.95 -10.89 39.25
C THR A 382 1.38 -12.01 38.39
N LEU A 383 2.19 -13.04 38.18
CA LEU A 383 1.78 -14.17 37.38
C LEU A 383 0.98 -15.16 38.21
N LYS A 384 -0.32 -15.27 37.92
CA LYS A 384 -1.17 -16.25 38.57
C LYS A 384 -1.49 -17.40 37.62
N GLY A 385 -2.26 -18.37 38.09
CA GLY A 385 -2.60 -19.54 37.30
C GLY A 385 -1.37 -20.28 36.82
N SER A 386 -1.45 -20.82 35.61
CA SER A 386 -0.36 -21.61 35.04
C SER A 386 0.85 -20.75 34.64
N LEU A 387 0.83 -19.48 35.03
CA LEU A 387 1.92 -18.58 34.69
C LEU A 387 2.90 -18.45 35.84
N ARG A 388 2.43 -18.77 37.05
CA ARG A 388 3.24 -18.67 38.26
C ARG A 388 4.56 -19.44 38.15
N GLU A 389 4.51 -20.56 37.42
CA GLU A 389 5.67 -21.43 37.26
C GLU A 389 6.78 -20.83 36.40
N ILE A 390 6.55 -19.64 35.86
CA ILE A 390 7.58 -18.96 35.07
C ILE A 390 8.48 -18.13 35.99
N GLN A 391 9.79 -18.23 35.79
CA GLN A 391 10.72 -17.45 36.59
C GLN A 391 11.83 -16.83 35.76
N GLU A 392 11.65 -16.83 34.44
CA GLU A 392 12.61 -16.19 33.54
C GLU A 392 11.89 -15.55 32.35
N LEU A 393 12.26 -14.31 32.05
CA LEU A 393 11.68 -13.57 30.94
C LEU A 393 12.74 -12.75 30.21
N GLN A 394 12.79 -12.90 28.89
CA GLN A 394 13.66 -12.06 28.08
C GLN A 394 13.05 -10.68 27.98
N VAL A 395 13.88 -9.66 27.84
CA VAL A 395 13.41 -8.27 27.85
C VAL A 395 13.88 -7.50 26.63
N TRP A 396 12.93 -6.89 25.93
CA TRP A 396 13.24 -6.06 24.76
C TRP A 396 12.67 -4.66 24.94
N TYR A 397 13.41 -3.65 24.51
CA TYR A 397 13.09 -2.27 24.86
C TYR A 397 13.28 -1.27 23.73
N THR A 398 12.39 -0.28 23.66
CA THR A 398 12.47 0.77 22.66
C THR A 398 12.07 2.12 23.25
N LYS A 399 12.78 3.17 22.89
CA LYS A 399 12.47 4.53 23.32
C LYS A 399 12.31 5.45 22.12
N LEU A 400 11.16 6.12 22.01
CA LEU A 400 10.88 6.93 20.82
C LEU A 400 11.08 8.42 21.11
N GLY A 401 11.64 9.14 20.13
CA GLY A 401 11.91 10.55 20.27
C GLY A 401 13.40 10.83 20.47
N ARG A 406 16.75 8.51 20.70
CA ARG A 406 15.94 7.34 20.43
C ARG A 406 16.77 6.05 20.40
N LEU A 407 16.25 4.99 21.00
CA LEU A 407 16.88 3.66 20.98
C LEU A 407 15.86 2.61 20.53
N HIS A 408 16.25 1.74 19.61
CA HIS A 408 15.30 0.85 18.97
C HIS A 408 15.57 -0.64 19.22
N PHE A 409 14.54 -1.34 19.68
CA PHE A 409 14.53 -2.79 19.82
C PHE A 409 15.82 -3.35 20.40
N LYS A 410 16.25 -2.77 21.53
CA LYS A 410 17.47 -3.18 22.21
C LYS A 410 17.16 -4.22 23.27
N GLN A 411 17.89 -5.34 23.26
CA GLN A 411 17.65 -6.40 24.21
C GLN A 411 18.34 -6.10 25.55
N LEU A 412 17.55 -6.06 26.61
CA LEU A 412 18.07 -5.78 27.94
C LEU A 412 18.33 -7.06 28.71
N ASP A 413 18.84 -6.91 29.93
CA ASP A 413 19.17 -8.05 30.77
C ASP A 413 17.93 -8.83 31.18
N THR A 414 18.06 -10.15 31.18
CA THR A 414 16.98 -11.04 31.57
C THR A 414 16.45 -10.73 32.97
N LEU A 415 15.13 -10.77 33.13
CA LEU A 415 14.50 -10.62 34.44
C LEU A 415 14.20 -11.98 35.06
N TRP A 416 14.55 -12.12 36.34
CA TRP A 416 14.37 -13.40 37.03
C TRP A 416 13.31 -13.29 38.11
N LEU A 417 12.53 -14.34 38.25
CA LEU A 417 11.45 -14.38 39.23
C LEU A 417 11.67 -15.52 40.21
N LEU A 418 12.94 -15.80 40.49
CA LEU A 418 13.35 -16.90 41.37
C LEU A 418 12.79 -16.68 42.77
N ASP A 419 12.31 -15.47 43.02
CA ASP A 419 11.60 -15.08 44.23
C ASP A 419 10.59 -16.14 44.68
N GLY A 420 9.85 -16.70 43.73
CA GLY A 420 8.75 -17.59 44.04
C GLY A 420 7.48 -16.78 44.17
N SER A 421 7.66 -15.46 44.14
CA SER A 421 6.55 -14.51 44.23
C SER A 421 5.76 -14.47 42.93
N GLY A 422 6.40 -14.88 41.84
CA GLY A 422 5.79 -14.81 40.53
C GLY A 422 5.47 -13.37 40.18
N SER A 423 6.25 -12.45 40.73
CA SER A 423 5.98 -11.03 40.58
C SER A 423 7.21 -10.23 40.23
N PHE A 424 6.98 -9.08 39.58
CA PHE A 424 8.06 -8.16 39.25
C PHE A 424 7.51 -6.74 39.06
N THR A 425 8.41 -5.78 39.00
CA THR A 425 8.04 -4.38 38.93
C THR A 425 8.91 -3.61 37.94
N LEU A 426 8.31 -2.71 37.16
CA LEU A 426 9.04 -1.94 36.17
C LEU A 426 8.88 -0.44 36.35
N GLU A 427 9.94 0.31 36.05
CA GLU A 427 9.86 1.77 36.04
C GLU A 427 9.57 2.26 34.62
N LEU A 428 8.45 2.95 34.47
CA LEU A 428 8.00 3.35 33.14
C LEU A 428 8.03 4.85 32.94
N GLU A 429 8.50 5.29 31.79
CA GLU A 429 8.40 6.70 31.44
C GLU A 429 7.50 6.86 30.22
N GLU A 430 7.63 7.97 29.53
CA GLU A 430 6.76 8.27 28.40
C GLU A 430 7.38 7.79 27.09
N ASP A 431 6.53 7.36 26.16
CA ASP A 431 6.94 6.95 24.82
C ASP A 431 7.88 5.74 24.82
N GLU A 432 7.55 4.74 25.63
CA GLU A 432 8.39 3.54 25.71
C GLU A 432 7.62 2.28 25.36
N ILE A 433 8.34 1.25 24.93
CA ILE A 433 7.77 -0.06 24.67
C ILE A 433 8.60 -1.14 25.34
N PHE A 434 7.94 -2.04 26.06
CA PHE A 434 8.61 -3.17 26.67
C PHE A 434 8.00 -4.47 26.17
N THR A 435 8.83 -5.43 25.79
CA THR A 435 8.32 -6.77 25.54
C THR A 435 9.02 -7.77 26.44
N LEU A 436 8.22 -8.46 27.24
CA LEU A 436 8.74 -9.47 28.14
C LEU A 436 8.20 -10.82 27.71
N THR A 437 9.10 -11.74 27.39
CA THR A 437 8.68 -13.00 26.82
C THR A 437 9.58 -14.15 27.22
N THR A 438 9.00 -15.34 27.25
CA THR A 438 9.77 -16.54 27.49
C THR A 438 10.57 -16.95 26.26
N LEU A 439 10.19 -16.41 25.10
CA LEU A 439 10.83 -16.76 23.84
C LEU A 439 12.26 -16.23 23.74
N THR A 440 13.16 -17.05 23.22
CA THR A 440 14.56 -16.72 23.15
C THR A 440 15.05 -16.41 21.73
N THR A 441 14.10 -16.29 20.80
CA THR A 441 14.44 -16.21 19.39
C THR A 441 14.51 -14.78 18.87
N GLY A 442 14.27 -13.80 19.74
CA GLY A 442 14.28 -12.41 19.33
C GLY A 442 15.59 -12.01 18.69
N ARG A 443 15.54 -11.08 17.74
CA ARG A 443 16.75 -10.60 17.09
C ARG A 443 16.53 -9.28 16.37
N LYS A 444 17.38 -8.30 16.66
CA LYS A 444 17.36 -7.08 15.88
C LYS A 444 18.20 -7.26 14.62
N GLY A 445 17.54 -7.72 13.55
CA GLY A 445 18.20 -7.94 12.27
C GLY A 445 18.96 -6.72 11.80
N SER A 446 20.09 -6.97 11.14
CA SER A 446 20.96 -5.90 10.71
C SER A 446 21.66 -6.24 9.41
N TYR A 447 21.60 -5.30 8.47
CA TYR A 447 22.44 -5.32 7.30
C TYR A 447 23.26 -4.04 7.33
N PRO A 448 24.38 -4.01 6.60
CA PRO A 448 25.16 -2.77 6.54
C PRO A 448 24.33 -1.60 6.02
N PRO A 449 24.78 -0.36 6.28
CA PRO A 449 24.02 0.76 5.76
C PRO A 449 24.00 0.76 4.24
N PRO A 450 22.87 1.17 3.64
CA PRO A 450 22.71 1.28 2.19
C PRO A 450 23.26 2.62 1.71
N PRO A 451 23.45 2.79 0.38
CA PRO A 451 24.00 4.04 -0.15
C PRO A 451 23.24 5.27 0.30
N SER A 452 23.91 6.41 0.33
CA SER A 452 23.28 7.67 0.72
C SER A 452 22.16 8.03 -0.24
N SER A 453 21.24 8.87 0.23
CA SER A 453 20.17 9.37 -0.62
C SER A 453 20.71 10.23 -1.75
N LYS A 454 20.09 10.09 -2.92
CA LYS A 454 20.46 10.88 -4.09
C LYS A 454 19.22 11.24 -4.88
N PRO A 455 19.19 12.46 -5.44
CA PRO A 455 18.04 12.86 -6.26
C PRO A 455 17.92 11.99 -7.50
N PHE A 456 16.73 11.96 -8.10
CA PHE A 456 16.54 11.30 -9.39
C PHE A 456 17.57 11.84 -10.38
N PRO A 457 18.17 10.96 -11.19
CA PRO A 457 19.18 11.35 -12.18
C PRO A 457 18.74 12.53 -13.04
N THR A 458 19.57 13.57 -13.12
CA THR A 458 19.24 14.79 -13.84
C THR A 458 19.29 14.56 -15.35
N ASN A 459 19.89 13.45 -15.72
CA ASN A 459 19.87 13.00 -17.10
C ASN A 459 19.37 11.57 -17.11
N TYR A 460 18.32 11.29 -17.88
CA TYR A 460 17.68 9.99 -17.82
C TYR A 460 17.05 9.60 -19.14
N LYS A 461 17.14 8.32 -19.47
CA LYS A 461 16.63 7.83 -20.75
C LYS A 461 16.15 6.38 -20.65
N ASP A 462 15.15 6.04 -21.45
CA ASP A 462 14.72 4.66 -21.59
C ASP A 462 14.17 4.41 -22.99
N ASP A 463 14.74 3.42 -23.68
CA ASP A 463 14.33 3.07 -25.02
C ASP A 463 13.42 1.84 -25.00
N PHE A 464 13.14 1.35 -23.80
CA PHE A 464 12.21 0.24 -23.57
C PHE A 464 12.56 -1.03 -24.33
N ASN A 465 13.81 -1.15 -24.75
CA ASN A 465 14.23 -2.32 -25.52
C ASN A 465 14.58 -3.49 -24.61
N VAL A 466 13.55 -4.20 -24.18
CA VAL A 466 13.67 -5.38 -23.35
C VAL A 466 12.73 -6.44 -23.92
N GLU A 467 13.28 -7.59 -24.27
CA GLU A 467 12.51 -8.60 -24.99
C GLU A 467 11.72 -9.46 -24.03
N TYR A 468 12.33 -9.83 -22.92
CA TYR A 468 11.64 -10.59 -21.89
C TYR A 468 11.73 -9.90 -20.54
N PRO A 469 10.98 -8.80 -20.36
CA PRO A 469 11.02 -8.01 -19.13
C PRO A 469 10.58 -8.78 -17.90
N LEU A 470 11.18 -8.47 -16.76
CA LEU A 470 10.86 -9.17 -15.53
C LEU A 470 9.54 -8.66 -14.98
N PHE A 471 9.24 -7.39 -15.22
CA PHE A 471 7.95 -6.81 -14.86
C PHE A 471 7.27 -6.21 -16.10
N SER A 472 5.95 -6.07 -16.03
CA SER A 472 5.14 -5.69 -17.18
C SER A 472 5.28 -4.21 -17.55
N GLU A 473 5.89 -3.41 -16.68
CA GLU A 473 6.10 -2.00 -17.01
C GLU A 473 7.54 -1.55 -16.78
N ALA A 474 8.01 -0.61 -17.60
CA ALA A 474 9.32 0.01 -17.42
C ALA A 474 9.44 0.66 -16.05
N PRO A 475 10.65 0.65 -15.48
CA PRO A 475 10.89 1.18 -14.13
C PRO A 475 10.61 2.66 -14.00
N ASN A 476 10.27 3.09 -12.78
CA ASN A 476 10.12 4.51 -12.43
C ASN A 476 8.91 5.21 -13.03
N PHE A 477 8.26 4.60 -14.02
CA PHE A 477 7.04 5.18 -14.55
C PHE A 477 5.85 4.83 -13.64
N ALA A 478 5.31 5.82 -12.96
CA ALA A 478 4.18 5.59 -12.06
C ALA A 478 2.89 6.07 -12.68
N ASP A 479 2.09 5.14 -13.19
CA ASP A 479 0.83 5.47 -13.85
C ASP A 479 -0.14 6.11 -12.85
N GLN A 480 -0.74 7.23 -13.21
CA GLN A 480 -1.69 7.91 -12.32
C GLN A 480 -3.12 7.91 -12.89
N THR A 481 -3.24 7.62 -14.18
CA THR A 481 -4.53 7.26 -14.79
C THR A 481 -4.23 6.48 -16.05
N GLY A 482 -4.93 5.39 -16.28
CA GLY A 482 -4.60 4.49 -17.36
C GLY A 482 -3.47 3.56 -16.93
N VAL A 483 -3.08 2.67 -17.84
CA VAL A 483 -2.07 1.65 -17.55
C VAL A 483 -1.09 1.54 -18.74
N PHE A 484 0.21 1.65 -18.44
CA PHE A 484 1.26 1.64 -19.45
C PHE A 484 2.12 0.39 -19.33
N GLU A 485 2.36 -0.28 -20.46
CA GLU A 485 3.02 -1.58 -20.46
C GLU A 485 4.11 -1.70 -21.53
N TYR A 486 5.11 -2.53 -21.26
CA TYR A 486 6.04 -2.95 -22.30
C TYR A 486 5.24 -3.55 -23.44
N TYR A 487 5.60 -3.18 -24.67
CA TYR A 487 4.89 -3.71 -25.82
C TYR A 487 5.85 -4.09 -26.95
N MET A 488 5.72 -5.32 -27.42
CA MET A 488 6.53 -5.80 -28.53
C MET A 488 5.74 -5.85 -29.82
N ASN A 489 6.24 -5.17 -30.84
CA ASN A 489 5.62 -5.16 -32.16
C ASN A 489 6.58 -5.73 -33.20
N ASN A 490 6.40 -7.00 -33.54
CA ASN A 490 7.28 -7.66 -34.49
C ASN A 490 7.27 -7.05 -35.88
N GLU A 491 6.15 -6.39 -36.22
CA GLU A 491 5.96 -5.88 -37.57
C GLU A 491 6.57 -4.49 -37.77
N ASP A 492 7.47 -4.10 -36.88
CA ASP A 492 8.18 -2.84 -37.01
C ASP A 492 9.59 -2.99 -36.44
N ARG A 493 10.59 -2.70 -37.27
CA ARG A 493 11.98 -2.88 -36.86
C ARG A 493 12.47 -1.74 -35.97
N GLU A 494 12.15 -0.51 -36.33
CA GLU A 494 12.61 0.66 -35.59
C GLU A 494 11.94 0.79 -34.23
N HIS A 495 10.66 0.47 -34.17
CA HIS A 495 9.92 0.54 -32.92
C HIS A 495 9.35 -0.83 -32.56
N ARG A 496 10.22 -1.80 -32.42
CA ARG A 496 9.79 -3.15 -32.08
C ARG A 496 9.42 -3.23 -30.60
N PHE A 497 10.11 -2.45 -29.79
CA PHE A 497 9.90 -2.48 -28.35
C PHE A 497 9.53 -1.11 -27.82
N THR A 498 8.26 -0.91 -27.49
CA THR A 498 7.81 0.41 -27.07
C THR A 498 7.09 0.34 -25.71
N LEU A 499 6.54 1.47 -25.30
CA LEU A 499 5.68 1.52 -24.12
C LEU A 499 4.27 1.92 -24.55
N ARG A 500 3.28 1.12 -24.16
CA ARG A 500 1.93 1.28 -24.66
C ARG A 500 0.89 1.51 -23.55
N GLN A 501 0.05 2.53 -23.72
CA GLN A 501 -1.12 2.71 -22.86
C GLN A 501 -2.19 1.75 -23.34
N VAL A 502 -2.66 0.86 -22.46
CA VAL A 502 -3.48 -0.26 -22.92
C VAL A 502 -4.96 -0.23 -22.50
N LEU A 503 -5.40 0.77 -21.74
CA LEU A 503 -6.83 0.87 -21.45
C LEU A 503 -7.59 1.51 -22.61
N ASN A 504 -8.71 0.92 -23.01
CA ASN A 504 -9.56 1.50 -24.02
C ASN A 504 -10.92 1.96 -23.48
N GLN A 505 -11.08 1.95 -22.16
CA GLN A 505 -12.25 2.55 -21.52
C GLN A 505 -12.03 2.82 -20.03
N ARG A 506 -12.72 3.83 -19.52
CA ARG A 506 -12.61 4.22 -18.12
C ARG A 506 -12.98 3.04 -17.22
N PRO A 507 -12.15 2.76 -16.21
CA PRO A 507 -12.44 1.72 -15.22
C PRO A 507 -13.69 2.04 -14.40
N ILE A 508 -14.22 1.05 -13.69
CA ILE A 508 -15.12 1.33 -12.58
C ILE A 508 -14.23 1.91 -11.49
N THR A 509 -14.28 3.22 -11.35
CA THR A 509 -13.29 3.95 -10.58
C THR A 509 -13.50 3.90 -9.06
N TRP A 510 -12.40 3.97 -8.34
CA TRP A 510 -12.40 4.12 -6.89
C TRP A 510 -12.20 5.59 -6.58
N ALA A 511 -11.11 6.13 -7.12
CA ALA A 511 -10.84 7.56 -7.01
C ALA A 511 -11.45 8.30 -8.20
N ALA A 512 -11.17 9.59 -8.29
CA ALA A 512 -11.58 10.36 -9.45
C ALA A 512 -10.47 10.37 -10.50
N ASP A 513 -10.35 9.29 -11.26
CA ASP A 513 -9.37 9.23 -12.35
C ASP A 513 -9.53 10.42 -13.29
N ALA A 514 -8.41 10.89 -13.83
CA ALA A 514 -8.44 11.91 -14.87
C ALA A 514 -9.20 11.42 -16.09
N SER A 515 -9.58 12.35 -16.95
CA SER A 515 -10.16 12.02 -18.25
C SER A 515 -9.09 11.64 -19.26
N SER A 516 -7.85 12.00 -18.94
CA SER A 516 -6.72 11.64 -19.77
C SER A 516 -5.80 10.70 -19.02
N THR A 517 -5.16 9.79 -19.72
CA THR A 517 -4.20 8.90 -19.07
C THR A 517 -2.88 9.64 -18.88
N ILE A 518 -2.09 9.22 -17.90
CA ILE A 518 -0.85 9.90 -17.59
C ILE A 518 0.03 9.04 -16.68
N SER A 519 1.33 9.02 -16.99
CA SER A 519 2.30 8.37 -16.13
C SER A 519 3.38 9.39 -15.77
N VAL A 520 3.74 9.49 -14.51
CA VAL A 520 4.72 10.48 -14.10
C VAL A 520 6.03 9.81 -13.71
N ILE A 521 7.11 10.59 -13.79
CA ILE A 521 8.44 10.06 -13.56
C ILE A 521 9.42 11.18 -13.19
N GLY A 522 10.40 10.85 -12.35
CA GLY A 522 11.51 11.74 -12.10
C GLY A 522 11.56 12.37 -10.72
N ASP A 523 11.85 13.67 -10.69
CA ASP A 523 12.06 14.40 -9.45
C ASP A 523 11.07 15.54 -9.37
N HIS A 524 10.17 15.48 -8.40
CA HIS A 524 9.13 16.50 -8.23
C HIS A 524 9.72 17.89 -7.99
N HIS A 525 10.99 17.94 -7.58
CA HIS A 525 11.68 19.21 -7.38
C HIS A 525 12.09 19.88 -8.69
N TRP A 526 12.12 19.13 -9.78
CA TRP A 526 12.55 19.65 -11.08
C TRP A 526 11.78 20.89 -11.46
N THR A 527 12.49 21.91 -11.94
CA THR A 527 11.82 23.15 -12.31
C THR A 527 12.20 23.61 -13.72
N ASN A 528 13.45 23.39 -14.11
CA ASN A 528 13.88 23.62 -15.49
C ASN A 528 14.19 22.28 -16.13
N MET A 529 13.58 22.00 -17.27
CA MET A 529 13.74 20.67 -17.83
C MET A 529 13.44 20.60 -19.31
N THR A 530 13.97 19.57 -19.94
CA THR A 530 13.67 19.27 -21.32
C THR A 530 13.24 17.82 -21.42
N VAL A 531 12.05 17.60 -21.95
CA VAL A 531 11.51 16.25 -22.09
C VAL A 531 11.35 15.91 -23.55
N GLN A 532 11.78 14.71 -23.93
CA GLN A 532 11.65 14.25 -25.30
C GLN A 532 11.13 12.82 -25.35
N CYS A 533 10.27 12.54 -26.32
CA CYS A 533 9.72 11.20 -26.49
C CYS A 533 9.20 11.00 -27.90
N ASP A 534 9.34 9.78 -28.42
CA ASP A 534 8.65 9.40 -29.65
C ASP A 534 7.25 8.97 -29.28
N VAL A 535 6.25 9.45 -30.01
CA VAL A 535 4.86 9.10 -29.73
C VAL A 535 4.14 8.60 -30.98
N TYR A 536 3.10 7.81 -30.76
CA TYR A 536 2.39 7.12 -31.83
C TYR A 536 0.91 7.03 -31.47
N ILE A 537 0.07 7.74 -32.21
CA ILE A 537 -1.37 7.77 -31.97
C ILE A 537 -2.09 6.68 -32.74
N GLU A 538 -2.75 5.76 -32.05
CA GLU A 538 -3.36 4.61 -32.72
C GLU A 538 -4.77 4.86 -33.24
N THR A 539 -5.46 5.87 -32.72
CA THR A 539 -6.85 6.12 -33.10
C THR A 539 -6.97 7.25 -34.14
N PRO A 540 -7.47 6.93 -35.34
CA PRO A 540 -7.59 7.95 -36.38
C PRO A 540 -8.59 9.05 -36.03
N ARG A 541 -8.34 10.25 -36.55
CA ARG A 541 -9.22 11.41 -36.43
C ARG A 541 -9.28 11.98 -35.01
N SER A 542 -9.59 11.14 -34.03
CA SER A 542 -9.91 11.63 -32.70
C SER A 542 -8.79 11.48 -31.68
N GLY A 543 -7.76 10.70 -32.02
CA GLY A 543 -6.70 10.37 -31.08
C GLY A 543 -5.77 11.52 -30.70
N GLY A 544 -5.16 11.41 -29.52
CA GLY A 544 -4.27 12.45 -29.04
C GLY A 544 -3.32 11.99 -27.95
N VAL A 545 -2.13 12.58 -27.91
CA VAL A 545 -1.13 12.25 -26.91
C VAL A 545 -0.43 13.50 -26.41
N PHE A 546 0.34 13.36 -25.33
CA PHE A 546 1.11 14.48 -24.82
C PHE A 546 2.41 14.08 -24.12
N ILE A 547 3.26 15.07 -23.92
CA ILE A 547 4.37 14.98 -22.99
C ILE A 547 4.27 16.21 -22.10
N ALA A 548 4.83 16.15 -20.91
CA ALA A 548 4.62 17.22 -19.95
C ALA A 548 5.77 17.38 -18.97
N GLY A 549 5.84 18.55 -18.36
CA GLY A 549 6.80 18.81 -17.30
C GLY A 549 6.18 19.67 -16.23
N ARG A 550 6.85 19.72 -15.08
CA ARG A 550 6.37 20.46 -13.91
C ARG A 550 5.01 19.96 -13.41
N VAL A 551 4.75 18.66 -13.63
CA VAL A 551 3.50 18.07 -13.15
C VAL A 551 3.51 18.01 -11.62
N ASN A 552 2.62 18.75 -10.99
CA ASN A 552 2.75 18.99 -9.54
C ASN A 552 1.92 18.09 -8.62
N LYS A 553 0.91 17.41 -9.15
CA LYS A 553 0.05 16.56 -8.33
C LYS A 553 -0.24 15.22 -9.00
N GLY A 554 -0.42 14.18 -8.18
CA GLY A 554 -0.81 12.89 -8.70
C GLY A 554 -1.69 12.11 -7.73
N GLY A 555 -1.79 10.81 -7.97
CA GLY A 555 -2.55 9.93 -7.11
C GLY A 555 -4.02 10.29 -7.03
N ILE A 556 -4.54 10.31 -5.80
CA ILE A 556 -5.94 10.61 -5.58
C ILE A 556 -6.28 12.00 -6.11
N LEU A 557 -5.28 12.87 -6.19
CA LEU A 557 -5.50 14.23 -6.68
C LEU A 557 -5.10 14.43 -8.14
N ILE A 558 -4.96 13.36 -8.90
CA ILE A 558 -4.39 13.45 -10.25
C ILE A 558 -5.18 14.42 -11.15
N ARG A 559 -6.47 14.59 -10.89
CA ARG A 559 -7.26 15.55 -11.67
C ARG A 559 -6.86 16.99 -11.43
N SER A 560 -6.14 17.24 -10.34
CA SER A 560 -5.74 18.59 -9.98
C SER A 560 -4.39 18.99 -10.56
N ALA A 561 -3.79 18.11 -11.36
CA ALA A 561 -2.42 18.31 -11.80
C ALA A 561 -2.29 19.53 -12.72
N THR A 562 -1.38 20.43 -12.37
CA THR A 562 -1.00 21.50 -13.28
C THR A 562 0.44 21.30 -13.75
N GLY A 563 0.90 22.17 -14.64
CA GLY A 563 2.23 22.05 -15.22
C GLY A 563 2.25 22.61 -16.63
N VAL A 564 3.06 22.03 -17.50
CA VAL A 564 3.07 22.41 -18.91
C VAL A 564 2.85 21.17 -19.76
N PHE A 565 1.74 21.17 -20.50
CA PHE A 565 1.35 19.98 -21.27
C PHE A 565 1.36 20.26 -22.77
N PHE A 566 2.15 19.47 -23.49
CA PHE A 566 2.31 19.63 -24.94
C PHE A 566 1.53 18.53 -25.65
N TRP A 567 0.33 18.87 -26.14
CA TRP A 567 -0.54 17.89 -26.79
C TRP A 567 -0.44 17.95 -28.30
N ILE A 568 -0.49 16.80 -28.96
CA ILE A 568 -0.73 16.76 -30.39
C ILE A 568 -1.90 15.83 -30.69
N PHE A 569 -2.66 16.16 -31.72
CA PHE A 569 -3.88 15.44 -32.05
C PHE A 569 -3.88 14.94 -33.48
N ALA A 570 -4.56 13.82 -33.71
CA ALA A 570 -4.60 13.17 -35.02
C ALA A 570 -5.39 13.97 -36.05
N ASN A 571 -6.04 15.05 -35.63
CA ASN A 571 -6.79 15.87 -36.57
C ASN A 571 -5.96 17.04 -37.11
N GLY A 572 -4.64 16.97 -36.91
CA GLY A 572 -3.73 18.00 -37.38
C GLY A 572 -3.71 19.27 -36.54
N SER A 573 -3.57 19.12 -35.22
CA SER A 573 -3.56 20.27 -34.34
C SER A 573 -2.72 20.04 -33.09
N TYR A 574 -2.47 21.11 -32.34
CA TYR A 574 -1.72 21.00 -31.09
C TYR A 574 -2.25 22.02 -30.09
N ARG A 575 -1.96 21.76 -28.82
CA ARG A 575 -2.34 22.67 -27.76
C ARG A 575 -1.30 22.63 -26.67
N VAL A 576 -1.09 23.76 -26.02
CA VAL A 576 -0.23 23.82 -24.85
C VAL A 576 -1.08 24.28 -23.67
N THR A 577 -1.21 23.43 -22.66
CA THR A 577 -2.08 23.77 -21.52
C THR A 577 -1.35 23.81 -20.20
N ALA A 578 -1.91 24.54 -19.24
CA ALA A 578 -1.36 24.63 -17.90
C ALA A 578 -1.85 23.50 -17.01
N ASP A 579 -2.91 22.81 -17.43
CA ASP A 579 -3.54 21.75 -16.64
C ASP A 579 -3.78 20.47 -17.43
N LEU A 580 -3.79 19.34 -16.73
CA LEU A 580 -4.13 18.06 -17.34
C LEU A 580 -5.54 18.06 -17.93
N GLY A 581 -6.43 18.82 -17.31
CA GLY A 581 -7.81 18.90 -17.77
C GLY A 581 -7.96 19.69 -19.06
N GLY A 582 -6.95 20.47 -19.39
CA GLY A 582 -6.96 21.26 -20.61
C GLY A 582 -7.91 22.45 -20.62
N TRP A 583 -8.28 22.95 -19.45
CA TRP A 583 -9.14 24.11 -19.38
C TRP A 583 -8.38 25.41 -19.64
N ILE A 584 -7.09 25.42 -19.34
CA ILE A 584 -6.29 26.65 -19.43
C ILE A 584 -5.24 26.59 -20.54
N THR A 585 -5.32 27.54 -21.47
CA THR A 585 -4.47 27.53 -22.67
C THR A 585 -3.25 28.45 -22.57
N TYR A 586 -2.09 27.90 -22.91
CA TYR A 586 -0.88 28.69 -23.08
C TYR A 586 -0.69 29.04 -24.56
N ALA A 587 -0.96 28.05 -25.42
CA ALA A 587 -0.83 28.22 -26.86
C ALA A 587 -1.56 27.09 -27.58
N SER A 588 -1.87 27.32 -28.85
CA SER A 588 -2.56 26.32 -29.66
C SER A 588 -2.45 26.68 -31.13
N GLY A 589 -2.52 25.67 -31.99
CA GLY A 589 -2.41 25.90 -33.41
C GLY A 589 -2.52 24.64 -34.23
N HIS A 590 -2.10 24.74 -35.49
CA HIS A 590 -2.15 23.61 -36.40
C HIS A 590 -0.79 22.92 -36.50
N ALA A 591 -0.81 21.66 -36.87
CA ALA A 591 0.42 20.90 -37.02
C ALA A 591 0.21 19.73 -37.95
N ASP A 592 1.28 19.32 -38.62
CA ASP A 592 1.23 18.18 -39.54
C ASP A 592 1.26 16.88 -38.76
N VAL A 593 0.13 16.52 -38.16
CA VAL A 593 0.06 15.33 -37.36
C VAL A 593 -1.16 14.50 -37.74
N THR A 594 -0.94 13.21 -37.97
CA THR A 594 -2.01 12.27 -38.27
C THR A 594 -1.89 11.07 -37.34
N ALA A 595 -2.79 10.10 -37.49
CA ALA A 595 -2.70 8.87 -36.70
C ALA A 595 -1.77 7.87 -37.37
N LYS A 596 -1.26 6.92 -36.57
CA LYS A 596 -0.45 5.81 -37.05
C LYS A 596 0.86 6.24 -37.68
N ARG A 597 1.42 7.35 -37.21
CA ARG A 597 2.75 7.74 -37.62
C ARG A 597 3.56 8.19 -36.42
N TRP A 598 4.81 7.75 -36.37
CA TRP A 598 5.71 8.11 -35.29
C TRP A 598 6.19 9.55 -35.40
N TYR A 599 6.05 10.31 -34.33
CA TYR A 599 6.60 11.66 -34.27
C TYR A 599 7.51 11.78 -33.07
N THR A 600 8.47 12.69 -33.14
CA THR A 600 9.30 12.96 -31.96
C THR A 600 8.91 14.31 -31.37
N LEU A 601 8.53 14.30 -30.10
CA LEU A 601 8.15 15.53 -29.41
C LEU A 601 9.24 15.98 -28.45
N THR A 602 9.52 17.26 -28.44
CA THR A 602 10.40 17.82 -27.44
C THR A 602 9.71 18.98 -26.73
N LEU A 603 9.85 19.03 -25.42
CA LEU A 603 9.30 20.12 -24.62
C LEU A 603 10.38 20.69 -23.72
N GLY A 604 10.67 21.97 -23.89
CA GLY A 604 11.67 22.63 -23.07
C GLY A 604 11.02 23.64 -22.16
N ILE A 605 11.36 23.59 -20.87
CA ILE A 605 10.79 24.54 -19.92
C ILE A 605 11.92 25.16 -19.10
N LYS A 606 11.95 26.49 -19.09
CA LYS A 606 13.01 27.24 -18.42
C LYS A 606 12.47 28.57 -17.93
N GLY A 607 12.46 28.75 -16.61
CA GLY A 607 11.91 29.96 -16.01
C GLY A 607 10.48 30.23 -16.46
N TYR A 608 10.25 31.43 -16.97
CA TYR A 608 8.93 31.85 -17.41
C TYR A 608 8.53 31.36 -18.79
N PHE A 609 9.40 30.60 -19.44
CA PHE A 609 9.17 30.31 -20.85
C PHE A 609 9.34 28.85 -21.25
N ALA A 610 8.52 28.44 -22.21
CA ALA A 610 8.59 27.09 -22.75
C ALA A 610 8.64 27.11 -24.28
N PHE A 611 9.10 26.00 -24.85
CA PHE A 611 9.06 25.81 -26.30
C PHE A 611 8.78 24.35 -26.60
N GLY A 612 8.22 24.09 -27.77
CA GLY A 612 7.98 22.73 -28.22
C GLY A 612 8.52 22.46 -29.60
N MET A 613 9.06 21.26 -29.80
CA MET A 613 9.55 20.84 -31.11
C MET A 613 8.78 19.64 -31.65
N LEU A 614 8.58 19.63 -32.96
CA LEU A 614 8.04 18.47 -33.64
C LEU A 614 9.07 17.99 -34.65
N ASN A 615 9.57 16.77 -34.44
CA ASN A 615 10.64 16.20 -35.25
C ASN A 615 11.88 17.10 -35.34
N GLY A 616 12.25 17.68 -34.20
CA GLY A 616 13.44 18.51 -34.16
C GLY A 616 13.26 19.91 -34.71
N THR A 617 12.04 20.23 -35.15
CA THR A 617 11.75 21.55 -35.68
C THR A 617 10.81 22.32 -34.77
N ILE A 618 11.17 23.55 -34.43
CA ILE A 618 10.37 24.37 -33.53
C ILE A 618 8.93 24.53 -34.02
N LEU A 619 7.98 24.21 -33.14
CA LEU A 619 6.57 24.39 -33.44
C LEU A 619 6.05 25.65 -32.74
N TRP A 620 6.56 25.89 -31.54
CA TRP A 620 6.25 27.09 -30.78
C TRP A 620 7.38 27.36 -29.80
N LYS A 621 7.58 28.63 -29.45
CA LYS A 621 8.66 29.00 -28.54
C LYS A 621 8.33 30.29 -27.80
N ASN A 622 9.10 30.56 -26.75
CA ASN A 622 8.93 31.75 -25.93
C ASN A 622 7.49 31.95 -25.45
N VAL A 623 6.78 30.83 -25.27
CA VAL A 623 5.44 30.88 -24.71
C VAL A 623 5.53 31.02 -23.20
N ARG A 624 4.86 32.03 -22.67
CA ARG A 624 4.96 32.34 -21.26
C ARG A 624 4.15 31.35 -20.42
N VAL A 625 4.76 30.84 -19.36
CA VAL A 625 4.14 29.89 -18.46
C VAL A 625 4.30 30.34 -17.02
N LYS A 626 3.47 29.82 -16.12
CA LYS A 626 3.54 30.18 -14.71
C LYS A 626 4.91 29.85 -14.13
N TYR A 627 5.42 30.75 -13.29
CA TYR A 627 6.71 30.57 -12.64
C TYR A 627 6.76 31.42 -11.39
N PRO A 628 7.34 30.90 -10.30
CA PRO A 628 7.97 29.57 -10.17
C PRO A 628 6.98 28.41 -10.19
N GLY A 629 7.50 27.23 -10.56
CA GLY A 629 6.70 26.02 -10.60
C GLY A 629 7.65 24.84 -10.68
N HIS A 630 7.19 23.68 -10.22
CA HIS A 630 8.02 22.48 -10.25
C HIS A 630 7.18 21.22 -10.26
N GLY A 631 7.73 20.13 -10.77
CA GLY A 631 7.05 18.85 -10.78
C GLY A 631 7.69 17.82 -11.67
N TRP A 632 7.07 16.65 -11.78
CA TRP A 632 7.59 15.55 -12.58
C TRP A 632 7.49 15.79 -14.08
N ALA A 633 8.17 14.93 -14.83
CA ALA A 633 7.92 14.78 -16.26
C ALA A 633 6.81 13.76 -16.44
N ALA A 634 6.13 13.78 -17.58
CA ALA A 634 5.05 12.84 -17.80
C ALA A 634 4.74 12.58 -19.27
N ILE A 635 4.10 11.44 -19.53
CA ILE A 635 3.56 11.11 -20.84
C ILE A 635 2.10 10.72 -20.69
N GLY A 636 1.34 10.77 -21.78
CA GLY A 636 -0.04 10.31 -21.71
C GLY A 636 -0.85 10.44 -22.98
N THR A 637 -2.15 10.16 -22.85
CA THR A 637 -3.06 10.13 -23.99
C THR A 637 -4.31 10.94 -23.68
N HIS A 638 -4.98 11.42 -24.72
CA HIS A 638 -6.10 12.34 -24.53
C HIS A 638 -7.27 11.68 -23.80
N THR A 639 -7.65 10.48 -24.21
CA THR A 639 -8.66 9.71 -23.48
C THR A 639 -8.12 8.31 -23.19
N PHE A 640 -9.01 7.41 -22.78
CA PHE A 640 -8.61 6.02 -22.59
C PHE A 640 -8.51 5.35 -23.96
N GLU A 641 -7.33 5.47 -24.57
CA GLU A 641 -7.10 5.07 -25.94
C GLU A 641 -5.70 4.47 -26.12
N PHE A 642 -5.53 3.60 -27.11
CA PHE A 642 -4.22 3.01 -27.37
C PHE A 642 -3.25 4.05 -27.95
N ALA A 643 -2.00 4.01 -27.47
CA ALA A 643 -0.94 4.88 -27.96
C ALA A 643 0.38 4.31 -27.53
N GLN A 644 1.43 4.61 -28.27
CA GLN A 644 2.74 4.07 -27.93
C GLN A 644 3.78 5.15 -27.79
N PHE A 645 4.81 4.84 -27.04
CA PHE A 645 5.88 5.77 -26.72
C PHE A 645 7.19 5.04 -26.86
N ASP A 646 8.22 5.76 -27.30
CA ASP A 646 9.54 5.15 -27.48
C ASP A 646 10.63 6.18 -27.29
N ASN A 647 11.82 5.71 -26.90
CA ASN A 647 13.00 6.54 -26.75
C ASN A 647 12.76 7.77 -25.89
N PHE A 648 12.34 7.53 -24.65
CA PHE A 648 12.06 8.60 -23.70
C PHE A 648 13.34 9.18 -23.13
N ARG A 649 13.41 10.51 -23.07
CA ARG A 649 14.57 11.16 -22.48
C ARG A 649 14.16 12.40 -21.69
N VAL A 650 14.90 12.67 -20.62
CA VAL A 650 14.68 13.89 -19.87
C VAL A 650 16.00 14.42 -19.31
N GLU A 651 16.22 15.71 -19.51
CA GLU A 651 17.31 16.42 -18.86
C GLU A 651 16.71 17.50 -17.99
N ALA A 652 17.13 17.59 -16.74
CA ALA A 652 16.46 18.50 -15.83
C ALA A 652 17.40 19.12 -14.81
N ALA A 653 17.12 20.37 -14.46
CA ALA A 653 17.80 21.05 -13.37
C ALA A 653 16.84 21.13 -12.18
N ARG A 654 17.29 20.64 -11.04
CA ARG A 654 16.46 20.60 -9.85
C ARG A 654 16.49 21.91 -9.08
#